data_1GOS
#
_entry.id   1GOS
#
_cell.length_a   138.800
_cell.length_b   224.300
_cell.length_c   87.200
_cell.angle_alpha   90.00
_cell.angle_beta   90.00
_cell.angle_gamma   90.00
#
_symmetry.space_group_name_H-M   'C 2 2 2'
#
loop_
_entity.id
_entity.type
_entity.pdbx_description
1 polymer 'MONOAMINE OXIDASE'
2 non-polymer 'FLAVIN-ADENINE DINUCLEOTIDE'
3 non-polymer N-[(E)-METHYL](PHENYL)-N-[(E)-2-PROPENYLIDENE]METHANAMINIUM
#
_entity_poly.entity_id   1
_entity_poly.type   'polypeptide(L)'
_entity_poly.pdbx_seq_one_letter_code
;MSNKCDVVVVGGGISGMAAAKLLHDSGLNVVVLEARDRVGGRTYTLRNQKVKYVDLGGSYVGPTQNRILRLAKELGLETY
KVNEVERLIHHVKGKSYPFRGPFPPVWNPITYLDHNNFWRTMDDMGREIPSDAPWKAPLAEEWDNMTMKELLDKLCWTES
AKQLATLFVNLCVTAETHEVSALWFLWYVKQCGGTTRIISTTNGGQERKFVGGSGQVSERIMDLLGDRVKLERPVIYIDQ
TRENVLVETLNHEMYEAKYVISAIPPTLGMKIHFNPPLPMMRNQMITRVPLGSVIKCIVYYKEPFWRKKDYCGTMIIDGE
EAPVAYTLDDTKPEGNYAAIMGFILAHKARKLARLTKEERLKKLCELYAKVLGSLEALEPVHYEEKNWCEEQYSGGCYTT
YFPPGILTQYGRVLRQPVDRIYFAGTETATHWSGYMEGAVEAGERAAREILHAMGKIPEDEIWQSEPESVDVPAQPITTT
FLERHLPSVPGLLRLIGLTTIFSATALGFLAHKRGLLVRV
;
_entity_poly.pdbx_strand_id   A,B
#
# COMPACT_ATOMS: atom_id res chain seq x y z
N LYS A 4 -11.57 32.54 -9.55
CA LYS A 4 -10.34 32.65 -8.71
C LYS A 4 -10.59 33.28 -7.32
N CYS A 5 -9.65 33.00 -6.38
CA CYS A 5 -9.82 33.46 -4.97
C CYS A 5 -8.50 33.57 -4.13
N ASP A 6 -8.72 33.23 -2.83
CA ASP A 6 -7.76 33.34 -1.69
C ASP A 6 -7.03 32.03 -1.26
N VAL A 7 -7.81 31.02 -0.92
CA VAL A 7 -7.32 29.66 -0.50
C VAL A 7 -8.32 28.68 -1.06
N VAL A 8 -7.84 27.62 -1.66
CA VAL A 8 -8.77 26.61 -2.14
C VAL A 8 -8.67 25.44 -1.20
N VAL A 9 -9.80 24.83 -0.84
CA VAL A 9 -9.73 23.63 -0.02
C VAL A 9 -10.16 22.48 -0.89
N VAL A 10 -9.42 21.37 -0.84
CA VAL A 10 -9.86 20.27 -1.69
C VAL A 10 -10.93 19.29 -1.18
N GLY A 11 -11.03 19.04 0.11
CA GLY A 11 -12.14 18.16 0.46
C GLY A 11 -13.45 18.78 0.93
N GLY A 12 -14.56 18.15 0.51
CA GLY A 12 -15.86 18.55 1.02
C GLY A 12 -16.26 18.03 2.39
N GLY A 13 -15.41 17.23 3.01
CA GLY A 13 -15.76 16.55 4.25
C GLY A 13 -15.49 17.33 5.54
N ILE A 14 -15.58 16.66 6.69
CA ILE A 14 -15.64 17.45 7.91
C ILE A 14 -14.38 18.25 8.07
N SER A 15 -13.25 17.65 7.76
CA SER A 15 -12.00 18.38 7.94
C SER A 15 -12.05 19.61 7.06
N GLY A 16 -12.52 19.47 5.84
CA GLY A 16 -12.39 20.62 4.96
C GLY A 16 -13.23 21.74 5.51
N MET A 17 -14.52 21.47 5.57
CA MET A 17 -15.52 22.43 6.01
C MET A 17 -15.04 23.09 7.31
N ALA A 18 -14.79 22.24 8.32
CA ALA A 18 -14.17 22.76 9.53
C ALA A 18 -13.09 23.76 9.15
N ALA A 19 -12.29 23.43 8.15
CA ALA A 19 -11.21 24.35 7.87
C ALA A 19 -11.69 25.50 7.01
N ALA A 20 -12.51 25.20 6.00
CA ALA A 20 -13.01 26.29 5.16
C ALA A 20 -13.51 27.36 6.13
N LYS A 21 -14.43 26.96 7.00
CA LYS A 21 -15.01 27.83 8.01
C LYS A 21 -13.91 28.58 8.71
N LEU A 22 -13.06 27.91 9.45
CA LEU A 22 -12.09 28.68 10.24
C LEU A 22 -11.53 29.89 9.49
N LEU A 23 -11.07 29.63 8.27
CA LEU A 23 -10.45 30.65 7.46
C LEU A 23 -11.47 31.75 7.30
N HIS A 24 -12.60 31.37 6.74
CA HIS A 24 -13.69 32.28 6.44
C HIS A 24 -14.17 33.06 7.65
N ASP A 25 -14.33 32.40 8.79
CA ASP A 25 -14.67 33.09 10.02
C ASP A 25 -13.61 34.17 10.17
N SER A 26 -12.59 34.11 9.35
CA SER A 26 -11.45 34.97 9.59
C SER A 26 -11.21 35.96 8.46
N GLY A 27 -12.20 36.10 7.59
CA GLY A 27 -12.11 37.10 6.53
C GLY A 27 -11.48 36.59 5.26
N LEU A 28 -10.98 35.38 5.25
CA LEU A 28 -10.30 34.94 4.05
C LEU A 28 -11.26 34.48 2.97
N ASN A 29 -10.88 34.71 1.72
CA ASN A 29 -11.75 34.27 0.65
C ASN A 29 -11.59 32.82 0.24
N VAL A 30 -12.46 31.98 0.77
CA VAL A 30 -12.26 30.56 0.63
C VAL A 30 -13.07 29.96 -0.50
N VAL A 31 -12.77 28.72 -0.84
CA VAL A 31 -13.62 27.98 -1.76
C VAL A 31 -13.43 26.48 -1.54
N VAL A 32 -14.51 25.71 -1.55
CA VAL A 32 -14.38 24.28 -1.31
C VAL A 32 -14.72 23.55 -2.60
N LEU A 33 -13.71 22.91 -3.20
CA LEU A 33 -13.96 22.12 -4.37
C LEU A 33 -14.31 20.76 -3.83
N GLU A 34 -15.54 20.29 -4.06
CA GLU A 34 -15.88 18.94 -3.63
C GLU A 34 -16.37 18.09 -4.79
N ALA A 35 -16.08 16.80 -4.72
CA ALA A 35 -16.20 16.03 -5.94
C ALA A 35 -17.53 15.35 -6.13
N ARG A 36 -18.28 15.07 -5.08
CA ARG A 36 -19.59 14.48 -5.32
C ARG A 36 -20.73 15.46 -5.05
N ASP A 37 -21.96 15.02 -5.27
CA ASP A 37 -23.10 15.89 -5.05
C ASP A 37 -23.29 16.10 -3.58
N ARG A 38 -22.99 15.13 -2.71
CA ARG A 38 -23.17 15.36 -1.27
C ARG A 38 -21.95 16.03 -0.74
N VAL A 39 -21.85 16.10 0.58
CA VAL A 39 -20.77 16.86 1.13
C VAL A 39 -20.33 16.26 2.44
N GLY A 40 -21.11 15.35 3.00
CA GLY A 40 -20.61 14.69 4.19
C GLY A 40 -19.36 13.86 3.91
N GLY A 41 -18.53 13.60 4.91
CA GLY A 41 -17.32 12.91 4.53
C GLY A 41 -17.52 11.47 4.14
N ARG A 42 -16.73 10.65 4.83
CA ARG A 42 -17.07 9.27 5.05
C ARG A 42 -18.11 9.42 6.14
N THR A 43 -18.91 10.44 5.96
CA THR A 43 -19.95 10.79 6.89
C THR A 43 -21.18 11.03 6.06
N TYR A 44 -22.25 10.29 6.30
CA TYR A 44 -23.40 10.35 5.38
C TYR A 44 -24.70 9.91 6.06
N THR A 45 -25.76 10.68 5.89
CA THR A 45 -26.91 10.39 6.72
C THR A 45 -28.11 10.12 5.83
N LEU A 46 -28.65 8.91 5.92
CA LEU A 46 -29.71 8.58 4.98
C LEU A 46 -30.97 9.16 5.58
N ARG A 47 -31.89 9.57 4.72
CA ARG A 47 -33.14 10.11 5.21
C ARG A 47 -34.22 9.54 4.32
N ASN A 48 -35.28 9.04 4.94
CA ASN A 48 -36.37 8.39 4.23
C ASN A 48 -37.38 7.87 5.26
N GLN A 49 -38.66 7.90 4.93
CA GLN A 49 -39.66 7.59 5.93
C GLN A 49 -39.36 6.34 6.78
N LYS A 50 -39.06 5.21 6.13
CA LYS A 50 -38.90 3.92 6.80
C LYS A 50 -37.96 4.06 7.97
N VAL A 51 -37.01 4.99 7.82
CA VAL A 51 -35.91 5.11 8.76
C VAL A 51 -35.90 6.43 9.49
N LYS A 52 -36.41 7.46 8.83
CA LYS A 52 -36.33 8.82 9.35
C LYS A 52 -34.93 9.33 9.10
N TYR A 53 -33.96 8.79 9.85
CA TYR A 53 -32.54 9.03 9.50
C TYR A 53 -31.66 7.95 10.07
N VAL A 54 -30.54 7.67 9.39
CA VAL A 54 -29.50 6.74 9.83
C VAL A 54 -28.21 7.20 9.29
N ASP A 55 -27.22 7.21 10.16
CA ASP A 55 -25.85 7.42 9.74
C ASP A 55 -25.36 6.15 9.08
N LEU A 56 -24.98 6.27 7.81
CA LEU A 56 -24.44 5.16 7.07
C LEU A 56 -22.92 5.24 7.13
N GLY A 57 -22.44 6.39 7.59
CA GLY A 57 -21.03 6.69 7.58
C GLY A 57 -20.58 6.67 9.02
N GLY A 58 -20.08 7.75 9.55
CA GLY A 58 -19.51 7.58 10.85
C GLY A 58 -20.42 8.24 11.86
N SER A 59 -20.77 7.59 12.96
CA SER A 59 -21.59 8.34 13.91
C SER A 59 -21.20 8.54 15.34
N TYR A 60 -20.62 7.54 15.97
CA TYR A 60 -20.37 7.72 17.37
C TYR A 60 -19.42 8.89 17.67
N VAL A 61 -19.38 9.33 18.93
CA VAL A 61 -18.63 10.51 19.33
C VAL A 61 -18.68 10.54 20.85
N GLY A 62 -17.63 10.97 21.54
CA GLY A 62 -17.66 10.81 22.99
C GLY A 62 -16.82 11.60 23.99
N PRO A 63 -16.91 11.17 25.24
CA PRO A 63 -16.18 11.80 26.33
C PRO A 63 -14.88 12.40 25.81
N THR A 64 -14.09 11.64 25.08
CA THR A 64 -12.85 12.34 24.82
C THR A 64 -12.58 13.45 23.80
N GLN A 65 -13.62 13.68 23.00
CA GLN A 65 -13.48 14.26 21.69
C GLN A 65 -14.00 15.68 21.80
N ASN A 66 -13.18 16.47 22.46
CA ASN A 66 -13.67 17.79 22.80
C ASN A 66 -13.98 18.76 21.66
N ARG A 67 -13.50 18.50 20.45
CA ARG A 67 -13.75 19.47 19.41
C ARG A 67 -14.91 19.14 18.52
N ILE A 68 -15.12 17.89 18.17
CA ILE A 68 -16.22 17.81 17.23
C ILE A 68 -17.48 18.16 17.99
N LEU A 69 -17.56 17.71 19.24
CA LEU A 69 -18.65 18.06 20.16
C LEU A 69 -18.86 19.55 20.00
N ARG A 70 -17.80 20.31 20.24
CA ARG A 70 -17.92 21.77 20.15
C ARG A 70 -18.43 22.37 18.85
N LEU A 71 -17.89 21.90 17.73
CA LEU A 71 -18.27 22.46 16.46
C LEU A 71 -19.77 22.14 16.37
N ALA A 72 -20.05 20.85 16.47
CA ALA A 72 -21.39 20.32 16.46
C ALA A 72 -22.31 21.27 17.19
N LYS A 73 -21.82 21.75 18.33
CA LYS A 73 -22.66 22.59 19.18
C LYS A 73 -22.90 23.91 18.50
N GLU A 74 -21.82 24.55 18.08
CA GLU A 74 -21.96 25.82 17.40
C GLU A 74 -22.95 25.73 16.27
N LEU A 75 -23.26 24.56 15.76
CA LEU A 75 -24.15 24.57 14.60
C LEU A 75 -25.50 24.10 15.04
N GLY A 76 -25.66 24.02 16.35
CA GLY A 76 -26.94 23.76 16.96
C GLY A 76 -27.31 22.30 16.90
N LEU A 77 -26.41 21.42 17.31
CA LEU A 77 -26.73 20.01 17.26
C LEU A 77 -26.73 19.43 18.67
N GLU A 78 -27.35 18.26 18.81
CA GLU A 78 -27.44 17.68 20.11
C GLU A 78 -27.11 16.20 20.07
N THR A 79 -26.25 15.83 21.02
CA THR A 79 -25.98 14.48 21.48
C THR A 79 -27.16 13.69 22.02
N TYR A 80 -27.02 12.37 22.12
CA TYR A 80 -27.87 11.52 22.93
C TYR A 80 -27.18 10.20 23.19
N LYS A 81 -27.12 9.74 24.45
CA LYS A 81 -26.39 8.51 24.74
C LYS A 81 -27.04 7.28 24.12
N VAL A 82 -26.22 6.26 23.90
CA VAL A 82 -26.62 5.07 23.16
C VAL A 82 -27.09 4.06 24.19
N ASN A 83 -28.02 3.16 23.91
CA ASN A 83 -28.46 2.31 25.03
C ASN A 83 -27.39 1.43 25.68
N GLU A 84 -27.11 1.61 26.97
CA GLU A 84 -26.23 0.68 27.67
C GLU A 84 -26.77 0.33 29.09
N VAL A 85 -28.09 0.43 29.24
CA VAL A 85 -28.78 0.11 30.49
C VAL A 85 -28.84 -1.40 30.70
N GLU A 86 -29.41 -2.15 29.74
CA GLU A 86 -29.42 -3.61 29.87
C GLU A 86 -28.04 -4.27 29.85
N ARG A 87 -28.00 -5.60 29.75
CA ARG A 87 -26.70 -6.29 29.87
C ARG A 87 -26.18 -6.46 28.45
N LEU A 88 -24.94 -6.92 28.32
CA LEU A 88 -24.33 -7.13 27.02
C LEU A 88 -24.00 -8.57 26.78
N ILE A 89 -23.61 -8.88 25.56
CA ILE A 89 -23.27 -10.25 25.28
C ILE A 89 -21.89 -10.52 24.70
N HIS A 90 -21.27 -11.58 25.19
CA HIS A 90 -20.06 -12.09 24.58
C HIS A 90 -20.48 -13.47 24.17
N HIS A 91 -20.58 -13.65 22.86
CA HIS A 91 -20.93 -14.92 22.27
C HIS A 91 -19.69 -15.70 21.85
N VAL A 92 -19.35 -16.79 22.55
CA VAL A 92 -18.17 -17.54 22.12
C VAL A 92 -18.32 -19.05 22.07
N LYS A 93 -17.88 -19.61 20.96
CA LYS A 93 -17.90 -21.03 20.80
C LYS A 93 -19.36 -21.44 20.82
N GLY A 94 -20.18 -20.52 20.36
CA GLY A 94 -21.57 -20.81 20.14
C GLY A 94 -22.51 -20.55 21.30
N LYS A 95 -22.03 -20.02 22.42
CA LYS A 95 -22.96 -19.64 23.48
C LYS A 95 -22.85 -18.15 23.76
N SER A 96 -23.93 -17.55 24.25
CA SER A 96 -23.82 -16.18 24.71
C SER A 96 -23.59 -16.08 26.22
N TYR A 97 -22.75 -15.15 26.62
CA TYR A 97 -22.53 -14.95 28.03
C TYR A 97 -22.82 -13.48 28.26
N PRO A 98 -23.84 -13.18 29.05
CA PRO A 98 -24.26 -11.81 29.26
C PRO A 98 -23.28 -11.21 30.24
N PHE A 99 -23.23 -9.88 30.38
CA PHE A 99 -22.48 -9.22 31.45
C PHE A 99 -22.71 -7.71 31.43
N ARG A 100 -22.16 -7.05 32.46
CA ARG A 100 -22.19 -5.60 32.68
C ARG A 100 -20.75 -5.11 32.60
N GLY A 101 -20.54 -3.79 32.56
CA GLY A 101 -19.19 -3.26 32.53
C GLY A 101 -18.60 -3.37 31.15
N PRO A 102 -17.51 -2.68 30.86
CA PRO A 102 -16.99 -2.56 29.50
C PRO A 102 -16.33 -3.83 29.02
N PHE A 103 -16.09 -4.74 29.95
CA PHE A 103 -15.17 -5.82 29.70
C PHE A 103 -15.78 -7.15 30.12
N PRO A 104 -15.68 -8.13 29.24
CA PRO A 104 -16.26 -9.45 29.50
C PRO A 104 -15.43 -10.23 30.49
N PRO A 105 -16.07 -10.95 31.41
CA PRO A 105 -15.35 -11.60 32.50
C PRO A 105 -14.71 -12.92 32.10
N VAL A 106 -13.56 -13.23 32.69
CA VAL A 106 -12.95 -14.52 32.37
C VAL A 106 -12.74 -15.48 33.50
N TRP A 107 -13.13 -16.71 33.19
CA TRP A 107 -13.18 -17.81 34.12
C TRP A 107 -11.80 -18.13 34.70
N ASN A 108 -10.98 -18.66 33.80
CA ASN A 108 -9.74 -19.32 34.16
C ASN A 108 -8.62 -18.38 34.59
N PRO A 109 -8.12 -18.58 35.79
CA PRO A 109 -7.04 -17.72 36.22
C PRO A 109 -5.91 -17.77 35.21
N ILE A 110 -5.65 -18.89 34.52
CA ILE A 110 -4.34 -18.94 33.89
C ILE A 110 -4.52 -18.17 32.61
N THR A 111 -5.49 -17.28 32.64
CA THR A 111 -6.09 -16.79 31.43
C THR A 111 -6.61 -15.46 31.86
N TYR A 112 -6.97 -15.38 33.12
CA TYR A 112 -7.39 -14.11 33.62
C TYR A 112 -6.10 -13.29 33.56
N LEU A 113 -5.01 -13.94 33.98
CA LEU A 113 -3.70 -13.33 34.03
C LEU A 113 -3.31 -12.91 32.63
N ASP A 114 -3.49 -13.79 31.65
CA ASP A 114 -3.03 -13.48 30.30
C ASP A 114 -3.75 -12.23 29.83
N HIS A 115 -5.06 -12.34 29.63
CA HIS A 115 -5.79 -11.18 29.16
C HIS A 115 -5.25 -9.97 29.86
N ASN A 116 -5.23 -10.04 31.18
CA ASN A 116 -4.94 -8.82 31.90
C ASN A 116 -3.68 -8.24 31.35
N ASN A 117 -2.68 -9.08 31.17
CA ASN A 117 -1.42 -8.62 30.60
C ASN A 117 -1.58 -8.16 29.17
N PHE A 118 -2.45 -8.84 28.42
CA PHE A 118 -2.53 -8.43 27.03
C PHE A 118 -2.71 -6.93 26.94
N TRP A 119 -3.87 -6.43 27.37
CA TRP A 119 -4.19 -5.01 27.27
C TRP A 119 -3.20 -4.11 28.00
N ARG A 120 -2.78 -4.54 29.18
CA ARG A 120 -1.90 -3.76 30.03
C ARG A 120 -0.71 -3.47 29.17
N THR A 121 -0.37 -4.46 28.35
CA THR A 121 0.88 -4.35 27.63
C THR A 121 0.80 -3.32 26.52
N MET A 122 -0.26 -3.41 25.73
CA MET A 122 -0.66 -2.41 24.78
C MET A 122 -0.54 -1.00 25.25
N ASP A 123 -0.53 -0.74 26.55
CA ASP A 123 -0.63 0.64 26.97
C ASP A 123 0.74 1.00 27.46
N ASP A 124 1.38 0.05 28.13
CA ASP A 124 2.77 0.22 28.46
C ASP A 124 3.47 0.54 27.16
N MET A 125 3.21 -0.28 26.16
CA MET A 125 3.85 -0.14 24.89
C MET A 125 3.58 1.19 24.22
N GLY A 126 2.56 1.92 24.62
CA GLY A 126 2.16 3.12 23.89
C GLY A 126 2.47 4.36 24.68
N ARG A 127 2.54 4.24 26.01
CA ARG A 127 3.07 5.32 26.84
C ARG A 127 4.43 5.70 26.29
N GLU A 128 4.91 4.95 25.30
CA GLU A 128 6.25 5.17 24.80
C GLU A 128 6.38 5.77 23.41
N ILE A 129 5.27 6.13 22.81
CA ILE A 129 5.25 6.64 21.44
C ILE A 129 4.58 7.99 21.42
N PRO A 130 5.37 9.03 21.27
CA PRO A 130 4.82 10.39 21.19
C PRO A 130 3.78 10.46 20.08
N SER A 131 2.58 10.99 20.33
CA SER A 131 1.50 10.94 19.35
C SER A 131 1.95 11.82 18.25
N ASP A 132 2.38 12.98 18.71
CA ASP A 132 3.10 13.97 17.95
C ASP A 132 3.79 13.37 16.75
N ALA A 133 4.53 12.29 16.97
CA ALA A 133 5.46 11.74 15.98
C ALA A 133 5.93 10.32 16.34
N PRO A 134 5.14 9.34 15.95
CA PRO A 134 5.28 7.98 16.45
C PRO A 134 6.62 7.50 16.05
N TRP A 135 7.20 8.08 15.02
CA TRP A 135 8.39 7.43 14.52
C TRP A 135 9.58 7.71 15.41
N LYS A 136 9.31 8.15 16.63
CA LYS A 136 10.41 8.66 17.43
C LYS A 136 10.65 7.85 18.66
N ALA A 137 9.95 6.74 18.68
CA ALA A 137 9.96 5.88 19.84
C ALA A 137 11.30 5.19 19.95
N PRO A 138 11.75 5.06 21.17
CA PRO A 138 12.96 4.30 21.42
C PRO A 138 12.88 3.05 20.56
N LEU A 139 11.80 2.30 20.52
CA LEU A 139 11.88 1.11 19.70
C LEU A 139 11.14 1.23 18.38
N ALA A 140 11.10 2.42 17.79
CA ALA A 140 10.29 2.62 16.58
C ALA A 140 10.45 1.50 15.59
N GLU A 141 11.65 1.33 15.07
CA GLU A 141 11.87 0.40 13.96
C GLU A 141 11.48 -0.99 14.31
N GLU A 142 11.97 -1.46 15.43
CA GLU A 142 11.76 -2.85 15.76
C GLU A 142 10.29 -3.10 15.69
N TRP A 143 9.50 -2.17 16.24
CA TRP A 143 8.04 -2.36 16.33
C TRP A 143 7.38 -2.15 15.02
N ASP A 144 7.98 -1.30 14.20
CA ASP A 144 7.46 -1.05 12.86
C ASP A 144 7.78 -2.16 11.86
N ASN A 145 8.85 -2.93 12.02
CA ASN A 145 9.04 -4.01 11.06
C ASN A 145 8.30 -5.27 11.45
N MET A 146 7.44 -5.14 12.45
CA MET A 146 6.73 -6.27 13.02
C MET A 146 5.31 -6.02 12.64
N THR A 147 4.51 -7.07 12.54
CA THR A 147 3.09 -7.02 12.19
C THR A 147 2.25 -7.30 13.44
N MET A 148 1.06 -6.71 13.59
CA MET A 148 0.29 -6.95 14.82
C MET A 148 0.06 -8.43 15.11
N LYS A 149 -0.13 -9.22 14.05
CA LYS A 149 -0.25 -10.66 14.23
C LYS A 149 0.99 -11.25 14.87
N GLU A 150 2.17 -10.80 14.47
CA GLU A 150 3.37 -11.26 15.13
C GLU A 150 3.32 -10.95 16.59
N LEU A 151 2.94 -9.73 16.92
CA LEU A 151 2.98 -9.26 18.29
C LEU A 151 2.03 -10.08 19.14
N LEU A 152 0.81 -10.23 18.65
CA LEU A 152 -0.13 -10.99 19.44
C LEU A 152 0.45 -12.36 19.62
N ASP A 153 0.92 -12.94 18.53
CA ASP A 153 1.47 -14.28 18.57
C ASP A 153 2.46 -14.34 19.71
N LYS A 154 3.25 -13.29 19.85
CA LYS A 154 4.39 -13.37 20.73
C LYS A 154 4.01 -13.08 22.16
N LEU A 155 2.85 -12.44 22.29
CA LEU A 155 2.45 -11.74 23.49
C LEU A 155 1.40 -12.48 24.30
N CYS A 156 0.70 -13.42 23.68
CA CYS A 156 -0.52 -13.98 24.22
C CYS A 156 -0.45 -15.47 24.53
N TRP A 157 -0.53 -15.94 25.78
CA TRP A 157 -0.23 -17.35 25.94
C TRP A 157 -1.48 -18.16 25.81
N THR A 158 -2.60 -17.50 25.51
CA THR A 158 -3.86 -18.21 25.47
C THR A 158 -4.71 -17.85 24.31
N GLU A 159 -5.27 -18.85 23.66
CA GLU A 159 -6.23 -18.64 22.56
C GLU A 159 -7.34 -17.68 22.91
N SER A 160 -8.03 -17.92 24.03
CA SER A 160 -9.02 -16.95 24.49
C SER A 160 -8.52 -15.54 24.21
N ALA A 161 -7.31 -15.25 24.65
CA ALA A 161 -6.83 -13.91 24.41
C ALA A 161 -6.47 -13.63 22.97
N LYS A 162 -5.67 -14.49 22.36
CA LYS A 162 -5.31 -14.19 20.99
C LYS A 162 -6.56 -13.81 20.16
N GLN A 163 -7.66 -14.54 20.38
CA GLN A 163 -8.89 -14.29 19.63
C GLN A 163 -9.51 -12.95 19.97
N LEU A 164 -9.72 -12.72 21.25
CA LEU A 164 -10.29 -11.46 21.62
C LEU A 164 -9.44 -10.37 21.03
N ALA A 165 -8.13 -10.49 21.12
CA ALA A 165 -7.32 -9.37 20.64
C ALA A 165 -7.49 -9.17 19.16
N THR A 166 -7.35 -10.25 18.43
CA THR A 166 -7.56 -10.18 17.00
C THR A 166 -8.78 -9.32 16.66
N LEU A 167 -9.92 -9.67 17.27
CA LEU A 167 -11.20 -8.98 17.04
C LEU A 167 -11.04 -7.56 17.45
N PHE A 168 -10.47 -7.35 18.63
CA PHE A 168 -10.24 -5.99 19.05
C PHE A 168 -9.62 -5.18 17.94
N VAL A 169 -9.00 -5.85 16.99
CA VAL A 169 -8.21 -5.10 16.03
C VAL A 169 -9.01 -4.97 14.77
N ASN A 170 -9.41 -6.14 14.25
CA ASN A 170 -10.34 -6.20 13.12
C ASN A 170 -11.32 -5.05 13.36
N LEU A 171 -11.73 -4.85 14.61
CA LEU A 171 -12.75 -3.87 14.91
C LEU A 171 -12.31 -2.42 14.85
N CYS A 172 -11.21 -2.07 15.53
CA CYS A 172 -10.80 -0.67 15.64
C CYS A 172 -10.33 -0.10 14.32
N VAL A 173 -9.27 -0.67 13.83
CA VAL A 173 -8.79 -0.34 12.51
C VAL A 173 -9.63 -1.19 11.63
N THR A 174 -9.39 -1.29 10.37
CA THR A 174 -10.32 -2.11 9.63
C THR A 174 -9.66 -3.23 8.84
N ALA A 175 -8.58 -3.80 9.33
CA ALA A 175 -7.93 -4.90 8.58
C ALA A 175 -7.56 -6.08 9.50
N GLU A 176 -6.69 -6.89 8.94
CA GLU A 176 -6.23 -8.13 9.58
C GLU A 176 -4.99 -7.88 10.42
N THR A 177 -4.88 -8.66 11.48
CA THR A 177 -3.73 -8.53 12.38
C THR A 177 -2.47 -8.62 11.55
N HIS A 178 -2.56 -9.36 10.44
CA HIS A 178 -1.40 -9.51 9.59
C HIS A 178 -1.19 -8.45 8.52
N GLU A 179 -2.14 -7.55 8.31
CA GLU A 179 -1.93 -6.46 7.35
C GLU A 179 -1.23 -5.23 7.93
N VAL A 180 -0.92 -5.21 9.21
CA VAL A 180 -0.74 -3.91 9.84
C VAL A 180 0.52 -3.76 10.70
N SER A 181 1.06 -2.55 10.76
CA SER A 181 2.28 -2.43 11.53
C SER A 181 2.05 -2.38 13.02
N ALA A 182 2.83 -3.15 13.77
CA ALA A 182 2.63 -3.11 15.20
C ALA A 182 2.79 -1.66 15.60
N LEU A 183 3.91 -1.09 15.28
CA LEU A 183 4.15 0.27 15.70
C LEU A 183 2.93 1.11 15.40
N TRP A 184 2.36 0.99 14.21
CA TRP A 184 1.25 1.86 13.90
C TRP A 184 0.06 1.58 14.80
N PHE A 185 -0.57 0.44 14.65
CA PHE A 185 -1.71 0.15 15.49
C PHE A 185 -1.50 0.59 16.94
N LEU A 186 -0.28 0.42 17.44
CA LEU A 186 -0.06 0.74 18.84
C LEU A 186 -0.34 2.19 18.94
N TRP A 187 0.37 2.93 18.11
CA TRP A 187 0.17 4.36 18.04
C TRP A 187 -1.30 4.76 18.01
N TYR A 188 -2.07 4.09 17.15
CA TYR A 188 -3.44 4.48 16.96
C TYR A 188 -4.10 4.39 18.31
N VAL A 189 -4.02 3.23 18.95
CA VAL A 189 -4.81 3.09 20.16
C VAL A 189 -4.46 4.23 21.06
N LYS A 190 -3.19 4.38 21.35
CA LYS A 190 -2.81 5.34 22.37
C LYS A 190 -3.24 6.74 21.99
N GLN A 191 -3.14 7.04 20.71
CA GLN A 191 -3.47 8.38 20.30
C GLN A 191 -4.92 8.70 20.63
N CYS A 192 -5.73 7.70 21.00
CA CYS A 192 -7.05 8.04 21.56
C CYS A 192 -7.13 8.00 23.09
N GLY A 193 -6.06 7.60 23.74
CA GLY A 193 -6.11 7.45 25.18
C GLY A 193 -6.28 6.01 25.58
N GLY A 194 -5.92 5.07 24.70
CA GLY A 194 -5.80 3.68 25.11
C GLY A 194 -7.04 2.80 25.13
N THR A 195 -6.76 1.52 25.36
CA THR A 195 -7.76 0.47 25.37
C THR A 195 -9.10 0.89 25.97
N THR A 196 -9.15 1.05 27.30
CA THR A 196 -10.42 1.47 27.89
C THR A 196 -11.09 2.62 27.17
N ARG A 197 -10.41 3.75 27.03
CA ARG A 197 -11.12 4.84 26.45
C ARG A 197 -11.80 4.41 25.18
N ILE A 198 -11.02 3.77 24.31
CA ILE A 198 -11.45 3.45 22.97
C ILE A 198 -12.55 2.40 22.94
N ILE A 199 -12.40 1.32 23.69
CA ILE A 199 -13.35 0.25 23.56
C ILE A 199 -14.68 0.58 24.21
N SER A 200 -14.65 1.45 25.22
CA SER A 200 -15.84 1.78 25.99
C SER A 200 -16.96 2.46 25.24
N THR A 201 -18.18 1.98 25.48
CA THR A 201 -19.36 2.69 25.03
C THR A 201 -19.67 3.85 25.96
N THR A 202 -19.98 3.50 27.20
CA THR A 202 -20.37 4.48 28.21
C THR A 202 -19.27 5.43 28.60
N ASN A 203 -18.23 5.00 29.28
CA ASN A 203 -17.33 6.10 29.56
C ASN A 203 -16.26 6.47 28.56
N GLY A 204 -16.53 6.27 27.27
CA GLY A 204 -15.59 6.70 26.26
C GLY A 204 -16.10 6.62 24.83
N GLY A 205 -15.34 5.97 23.98
CA GLY A 205 -15.54 6.13 22.57
C GLY A 205 -16.99 6.23 22.13
N GLN A 206 -17.76 5.18 22.32
CA GLN A 206 -19.05 5.16 21.64
C GLN A 206 -20.26 5.63 22.44
N GLU A 207 -20.07 6.62 23.31
CA GLU A 207 -21.14 7.09 24.17
C GLU A 207 -22.28 7.65 23.32
N ARG A 208 -21.99 8.58 22.43
CA ARG A 208 -23.14 9.22 21.82
C ARG A 208 -23.17 9.37 20.31
N LYS A 209 -24.38 9.35 19.76
CA LYS A 209 -24.66 9.75 18.38
C LYS A 209 -25.20 11.21 18.46
N PHE A 210 -25.18 11.93 17.35
CA PHE A 210 -25.84 13.24 17.33
C PHE A 210 -27.29 12.98 16.97
N VAL A 211 -28.18 13.90 17.32
CA VAL A 211 -29.58 13.77 16.93
C VAL A 211 -29.67 14.09 15.44
N GLY A 212 -30.47 13.35 14.70
CA GLY A 212 -30.65 13.68 13.30
C GLY A 212 -29.55 13.32 12.30
N GLY A 213 -28.30 13.16 12.75
CA GLY A 213 -27.23 12.68 11.88
C GLY A 213 -25.93 13.48 11.84
N SER A 214 -24.78 12.82 11.75
CA SER A 214 -23.52 13.56 11.73
C SER A 214 -23.44 14.34 10.44
N GLY A 215 -24.08 13.79 9.42
CA GLY A 215 -24.14 14.48 8.14
C GLY A 215 -24.43 15.95 8.38
N GLN A 216 -25.40 16.21 9.25
CA GLN A 216 -25.77 17.58 9.57
C GLN A 216 -24.50 18.40 9.67
N VAL A 217 -23.54 17.90 10.45
CA VAL A 217 -22.39 18.75 10.73
C VAL A 217 -21.93 19.45 9.47
N SER A 218 -21.56 18.67 8.47
CA SER A 218 -20.90 19.35 7.39
C SER A 218 -21.91 20.08 6.50
N GLU A 219 -23.11 19.54 6.33
CA GLU A 219 -24.12 20.25 5.55
C GLU A 219 -24.28 21.67 6.10
N ARG A 220 -24.40 21.76 7.41
CA ARG A 220 -24.74 23.04 8.00
C ARG A 220 -23.63 24.04 7.74
N ILE A 221 -22.40 23.57 7.73
CA ILE A 221 -21.33 24.49 7.41
C ILE A 221 -21.49 24.87 5.96
N MET A 222 -21.97 23.93 5.16
CA MET A 222 -22.08 24.23 3.75
C MET A 222 -23.08 25.34 3.71
N ASP A 223 -24.01 25.32 4.66
CA ASP A 223 -25.04 26.33 4.61
C ASP A 223 -24.39 27.67 4.92
N LEU A 224 -23.65 27.74 6.01
CA LEU A 224 -23.00 28.97 6.40
C LEU A 224 -22.13 29.45 5.29
N LEU A 225 -21.68 28.53 4.46
CA LEU A 225 -20.82 28.93 3.36
C LEU A 225 -21.67 29.33 2.19
N GLY A 226 -21.16 30.17 1.32
CA GLY A 226 -22.01 30.61 0.23
C GLY A 226 -22.13 29.55 -0.85
N ASP A 227 -22.11 30.03 -2.07
CA ASP A 227 -21.95 29.15 -3.20
C ASP A 227 -20.55 28.58 -3.08
N ARG A 228 -19.72 29.15 -2.20
CA ARG A 228 -18.30 28.78 -2.15
C ARG A 228 -18.00 27.29 -2.16
N VAL A 229 -19.00 26.49 -1.83
CA VAL A 229 -18.85 25.06 -1.83
C VAL A 229 -19.34 24.62 -3.19
N LYS A 230 -18.45 24.10 -4.03
CA LYS A 230 -18.87 23.59 -5.34
C LYS A 230 -18.91 22.08 -5.37
N LEU A 231 -20.10 21.52 -5.42
CA LEU A 231 -20.23 20.08 -5.60
C LEU A 231 -19.85 19.68 -7.03
N GLU A 232 -19.86 18.37 -7.28
CA GLU A 232 -19.41 17.83 -8.55
C GLU A 232 -18.11 18.43 -9.10
N ARG A 233 -17.13 18.67 -8.24
CA ARG A 233 -15.90 19.33 -8.70
C ARG A 233 -14.65 18.53 -8.43
N PRO A 234 -14.57 17.29 -8.88
CA PRO A 234 -13.35 16.53 -8.69
C PRO A 234 -12.14 17.36 -9.11
N VAL A 235 -11.31 17.75 -8.13
CA VAL A 235 -10.07 18.39 -8.47
C VAL A 235 -9.17 17.38 -9.10
N ILE A 236 -8.52 17.78 -10.18
CA ILE A 236 -7.76 16.88 -11.02
C ILE A 236 -6.30 17.30 -11.15
N TYR A 237 -6.02 18.56 -10.90
CA TYR A 237 -4.71 18.96 -11.34
C TYR A 237 -4.31 20.23 -10.64
N ILE A 238 -3.14 20.20 -10.03
CA ILE A 238 -2.75 21.30 -9.22
C ILE A 238 -1.37 21.77 -9.64
N ASP A 239 -1.25 23.09 -9.82
CA ASP A 239 -0.04 23.65 -10.41
C ASP A 239 0.56 24.76 -9.57
N GLN A 240 1.72 24.49 -8.99
CA GLN A 240 2.37 25.45 -8.09
C GLN A 240 3.48 26.13 -8.88
N THR A 241 3.65 25.76 -10.14
CA THR A 241 4.70 26.31 -11.00
C THR A 241 4.93 27.81 -10.84
N ARG A 242 3.86 28.59 -11.03
CA ARG A 242 3.93 30.06 -11.05
C ARG A 242 3.79 30.64 -9.65
N GLU A 243 3.08 31.75 -9.53
CA GLU A 243 2.83 32.27 -8.20
C GLU A 243 1.45 31.97 -7.63
N ASN A 244 0.38 32.51 -8.20
CA ASN A 244 -0.89 32.02 -7.70
C ASN A 244 -0.91 30.56 -8.09
N VAL A 245 -1.55 29.74 -7.26
CA VAL A 245 -1.59 28.33 -7.54
C VAL A 245 -2.85 28.10 -8.31
N LEU A 246 -2.82 27.15 -9.26
CA LEU A 246 -4.03 26.80 -9.97
C LEU A 246 -4.39 25.38 -9.65
N VAL A 247 -5.69 25.16 -9.51
CA VAL A 247 -6.23 23.85 -9.24
C VAL A 247 -7.17 23.75 -10.39
N GLU A 248 -7.52 22.52 -10.79
CA GLU A 248 -8.38 22.37 -11.94
C GLU A 248 -9.31 21.18 -11.76
N THR A 249 -10.55 21.34 -12.21
CA THR A 249 -11.61 20.37 -11.99
C THR A 249 -11.87 19.51 -13.22
N LEU A 250 -12.24 18.25 -13.01
CA LEU A 250 -12.53 17.33 -14.09
C LEU A 250 -13.55 18.01 -14.97
N ASN A 251 -14.31 18.88 -14.31
CA ASN A 251 -15.28 19.78 -14.91
C ASN A 251 -14.71 20.65 -16.04
N HIS A 252 -13.44 21.03 -15.96
CA HIS A 252 -12.85 21.93 -16.94
C HIS A 252 -13.10 23.36 -16.51
N GLU A 253 -12.77 23.71 -15.27
CA GLU A 253 -12.70 25.13 -14.92
C GLU A 253 -11.54 25.29 -13.97
N MET A 254 -11.02 26.50 -13.85
CA MET A 254 -9.80 26.71 -13.08
C MET A 254 -10.00 27.71 -11.98
N TYR A 255 -9.43 27.43 -10.81
CA TYR A 255 -9.42 28.35 -9.70
C TYR A 255 -7.98 28.67 -9.33
N GLU A 256 -7.69 29.92 -8.95
CA GLU A 256 -6.37 30.20 -8.39
C GLU A 256 -6.37 30.85 -7.01
N ALA A 257 -5.35 30.58 -6.22
CA ALA A 257 -5.28 31.13 -4.87
C ALA A 257 -3.83 31.27 -4.41
N LYS A 258 -3.63 31.56 -3.14
CA LYS A 258 -2.26 31.62 -2.64
C LYS A 258 -1.99 30.51 -1.64
N TYR A 259 -2.83 29.47 -1.67
CA TYR A 259 -2.64 28.32 -0.80
C TYR A 259 -3.69 27.30 -1.13
N VAL A 260 -3.44 26.05 -0.80
CA VAL A 260 -4.43 25.05 -1.05
C VAL A 260 -4.29 24.17 0.15
N ILE A 261 -5.43 23.87 0.76
CA ILE A 261 -5.51 22.88 1.82
C ILE A 261 -6.07 21.65 1.16
N SER A 262 -5.50 20.49 1.48
CA SER A 262 -5.94 19.26 0.84
C SER A 262 -6.53 18.40 1.93
N ALA A 263 -7.71 17.83 1.68
CA ALA A 263 -8.39 17.06 2.69
C ALA A 263 -8.84 15.69 2.16
N ILE A 264 -8.39 15.37 0.97
CA ILE A 264 -8.37 13.99 0.53
C ILE A 264 -7.66 13.03 1.51
N PRO A 265 -8.23 11.88 1.77
CA PRO A 265 -7.48 10.86 2.52
C PRO A 265 -6.20 10.67 1.74
N PRO A 266 -5.05 10.49 2.38
CA PRO A 266 -3.76 10.57 1.67
C PRO A 266 -3.68 9.84 0.34
N THR A 267 -3.86 8.53 0.28
CA THR A 267 -3.78 7.88 -1.02
C THR A 267 -4.40 8.69 -2.11
N LEU A 268 -5.49 9.37 -1.79
CA LEU A 268 -6.33 9.88 -2.86
C LEU A 268 -5.70 11.10 -3.49
N GLY A 269 -4.55 11.47 -2.96
CA GLY A 269 -3.71 12.42 -3.66
C GLY A 269 -3.40 11.92 -5.05
N MET A 270 -3.05 10.64 -5.19
CA MET A 270 -2.71 10.08 -6.48
C MET A 270 -3.71 10.56 -7.50
N LYS A 271 -4.88 10.98 -7.00
CA LYS A 271 -6.05 11.21 -7.85
C LYS A 271 -5.84 12.45 -8.69
N ILE A 272 -4.78 13.16 -8.33
CA ILE A 272 -4.54 14.45 -8.87
C ILE A 272 -3.20 14.34 -9.58
N HIS A 273 -3.05 15.08 -10.67
CA HIS A 273 -1.78 15.30 -11.31
C HIS A 273 -1.05 16.56 -10.82
N PHE A 274 0.10 16.39 -10.17
CA PHE A 274 0.86 17.55 -9.69
C PHE A 274 1.93 18.00 -10.67
N ASN A 275 2.07 19.30 -10.81
CA ASN A 275 3.26 19.89 -11.44
C ASN A 275 3.63 21.19 -10.72
N PRO A 276 4.89 21.27 -10.31
CA PRO A 276 5.84 20.21 -10.62
C PRO A 276 5.47 18.95 -9.86
N PRO A 277 6.27 17.91 -10.04
CA PRO A 277 6.09 16.64 -9.34
C PRO A 277 6.22 16.80 -7.85
N LEU A 278 5.52 16.01 -7.03
CA LEU A 278 5.72 16.06 -5.59
C LEU A 278 7.12 15.56 -5.33
N PRO A 279 7.73 16.02 -4.26
CA PRO A 279 9.04 15.53 -3.84
C PRO A 279 9.02 14.01 -3.77
N MET A 280 10.21 13.42 -3.81
CA MET A 280 10.25 11.97 -3.78
C MET A 280 9.38 11.36 -2.68
N MET A 281 9.78 11.55 -1.42
CA MET A 281 9.06 10.88 -0.34
C MET A 281 7.52 10.95 -0.50
N ARG A 282 6.96 12.16 -0.65
CA ARG A 282 5.51 12.24 -0.71
C ARG A 282 4.99 11.44 -1.89
N ASN A 283 5.58 11.66 -3.03
CA ASN A 283 5.15 10.93 -4.20
C ASN A 283 5.03 9.43 -3.96
N GLN A 284 5.98 8.82 -3.25
CA GLN A 284 5.89 7.39 -2.99
C GLN A 284 4.97 7.09 -1.80
N MET A 285 4.90 8.02 -0.84
CA MET A 285 4.10 7.73 0.34
C MET A 285 2.63 7.53 0.01
N ILE A 286 2.12 8.46 -0.78
CA ILE A 286 0.77 8.45 -1.27
C ILE A 286 0.38 7.07 -1.70
N THR A 287 1.36 6.19 -1.72
CA THR A 287 1.12 5.01 -2.49
C THR A 287 1.20 3.76 -1.69
N ARG A 288 1.35 3.94 -0.39
CA ARG A 288 1.70 2.82 0.43
C ARG A 288 0.78 2.88 1.61
N VAL A 289 -0.27 3.70 1.52
CA VAL A 289 -1.09 3.94 2.70
C VAL A 289 -2.56 3.91 2.38
N PRO A 290 -3.14 2.72 2.36
CA PRO A 290 -4.50 2.48 1.94
C PRO A 290 -5.53 2.60 3.05
N LEU A 291 -6.74 2.14 2.77
CA LEU A 291 -7.81 2.19 3.75
C LEU A 291 -8.30 0.83 4.16
N GLY A 292 -9.14 0.83 5.19
CA GLY A 292 -9.75 -0.39 5.64
C GLY A 292 -10.89 -0.77 4.72
N SER A 293 -11.53 -1.90 5.03
CA SER A 293 -12.69 -2.37 4.29
C SER A 293 -13.76 -2.82 5.31
N VAL A 294 -14.99 -2.34 5.07
CA VAL A 294 -16.12 -2.54 5.97
C VAL A 294 -17.44 -2.26 5.31
N ILE A 295 -18.48 -3.02 5.64
CA ILE A 295 -19.84 -2.70 5.21
C ILE A 295 -20.61 -2.42 6.46
N LYS A 296 -21.24 -1.25 6.55
CA LYS A 296 -22.10 -0.98 7.73
C LYS A 296 -23.52 -1.48 7.53
N CYS A 297 -24.09 -2.08 8.56
CA CYS A 297 -25.40 -2.69 8.39
C CYS A 297 -26.39 -2.33 9.49
N ILE A 298 -27.63 -2.05 9.08
CA ILE A 298 -28.66 -1.71 10.04
C ILE A 298 -29.91 -2.51 9.77
N VAL A 299 -30.25 -3.37 10.73
CA VAL A 299 -31.52 -4.09 10.68
C VAL A 299 -32.52 -3.50 11.68
N TYR A 300 -33.74 -3.26 11.20
CA TYR A 300 -34.79 -2.58 11.95
C TYR A 300 -35.88 -3.50 12.44
N TYR A 301 -36.27 -3.37 13.71
CA TYR A 301 -37.33 -4.24 14.23
C TYR A 301 -38.60 -3.52 14.73
N LYS A 302 -39.72 -4.23 14.87
CA LYS A 302 -40.95 -3.61 15.36
C LYS A 302 -40.74 -2.83 16.65
N GLU A 303 -40.28 -3.52 17.69
CA GLU A 303 -39.71 -2.81 18.84
C GLU A 303 -38.40 -3.48 19.26
N PRO A 304 -37.69 -2.84 20.17
CA PRO A 304 -36.40 -3.32 20.66
C PRO A 304 -36.50 -4.59 21.48
N PHE A 305 -36.84 -5.71 20.87
CA PHE A 305 -37.19 -6.86 21.68
C PHE A 305 -36.17 -7.31 22.70
N TRP A 306 -34.89 -7.20 22.37
CA TRP A 306 -33.90 -7.61 23.33
C TRP A 306 -34.14 -7.04 24.70
N ARG A 307 -34.55 -5.79 24.79
CA ARG A 307 -34.60 -5.21 26.15
C ARG A 307 -35.43 -6.03 27.13
N LYS A 308 -36.58 -6.50 26.68
CA LYS A 308 -37.37 -7.34 27.54
C LYS A 308 -36.56 -8.51 28.06
N LYS A 309 -35.62 -9.01 27.26
CA LYS A 309 -34.71 -10.05 27.73
C LYS A 309 -33.55 -9.52 28.54
N ASP A 310 -33.65 -8.29 29.02
CA ASP A 310 -32.55 -7.69 29.75
C ASP A 310 -31.20 -7.74 29.07
N TYR A 311 -31.22 -7.54 27.75
CA TYR A 311 -30.02 -7.30 26.95
C TYR A 311 -30.23 -5.96 26.27
N CYS A 312 -29.27 -5.04 26.37
CA CYS A 312 -29.22 -4.07 25.28
C CYS A 312 -28.41 -4.83 24.27
N GLY A 313 -28.64 -4.45 23.02
CA GLY A 313 -28.24 -5.20 21.84
C GLY A 313 -26.78 -5.01 21.52
N THR A 314 -25.91 -5.06 22.51
CA THR A 314 -24.52 -4.98 22.18
C THR A 314 -23.98 -6.38 22.05
N MET A 315 -23.67 -6.79 20.84
CA MET A 315 -23.11 -8.12 20.71
C MET A 315 -21.62 -8.07 20.36
N ILE A 316 -20.78 -8.71 21.17
CA ILE A 316 -19.39 -8.93 20.76
C ILE A 316 -19.34 -10.34 20.24
N ILE A 317 -19.04 -10.55 18.97
CA ILE A 317 -19.17 -11.90 18.45
C ILE A 317 -17.91 -12.54 17.88
N ASP A 318 -17.47 -13.63 18.51
CA ASP A 318 -16.28 -14.35 18.08
C ASP A 318 -16.51 -15.43 17.04
N GLY A 319 -15.56 -15.60 16.15
CA GLY A 319 -15.62 -16.72 15.22
C GLY A 319 -15.68 -16.32 13.76
N GLU A 320 -15.50 -17.28 12.86
CA GLU A 320 -15.41 -16.97 11.45
C GLU A 320 -16.80 -17.05 10.92
N GLU A 321 -17.47 -18.10 11.34
CA GLU A 321 -18.80 -18.40 10.85
C GLU A 321 -19.72 -17.17 10.98
N ALA A 322 -19.22 -16.07 11.55
CA ALA A 322 -20.05 -14.89 11.85
C ALA A 322 -19.85 -13.71 10.92
N PRO A 323 -20.90 -13.21 10.30
CA PRO A 323 -20.73 -12.09 9.37
C PRO A 323 -20.40 -10.82 10.11
N VAL A 324 -20.70 -10.75 11.40
CA VAL A 324 -20.60 -9.46 12.07
C VAL A 324 -20.05 -9.68 13.44
N ALA A 325 -19.12 -8.86 13.90
CA ALA A 325 -18.54 -9.14 15.22
C ALA A 325 -18.88 -8.12 16.27
N TYR A 326 -19.55 -7.06 15.88
CA TYR A 326 -19.86 -6.10 16.91
C TYR A 326 -21.15 -5.43 16.57
N THR A 327 -21.99 -5.27 17.58
CA THR A 327 -23.32 -4.81 17.35
C THR A 327 -23.77 -3.87 18.44
N LEU A 328 -24.31 -2.73 18.02
CA LEU A 328 -24.77 -1.69 18.94
C LEU A 328 -26.25 -1.38 18.74
N ASP A 329 -27.00 -1.04 19.79
CA ASP A 329 -28.40 -0.61 19.60
C ASP A 329 -28.45 0.73 18.86
N ASP A 330 -29.29 0.83 17.84
CA ASP A 330 -29.33 2.06 17.04
C ASP A 330 -30.71 2.70 17.11
N THR A 331 -31.58 2.10 17.91
CA THR A 331 -32.91 2.64 18.09
C THR A 331 -32.88 4.14 18.43
N LYS A 332 -33.74 4.93 17.79
CA LYS A 332 -33.79 6.36 18.02
C LYS A 332 -33.96 6.58 19.49
N PRO A 333 -33.66 7.77 19.96
CA PRO A 333 -33.63 8.04 21.40
C PRO A 333 -35.01 7.92 22.03
N GLU A 334 -36.06 7.75 21.25
CA GLU A 334 -37.38 7.78 21.84
C GLU A 334 -38.02 6.43 22.13
N GLY A 335 -37.35 5.34 21.76
CA GLY A 335 -37.94 4.01 21.81
C GLY A 335 -38.50 3.80 20.41
N ASN A 336 -38.06 4.68 19.53
CA ASN A 336 -38.66 4.80 18.22
C ASN A 336 -38.47 3.77 17.14
N TYR A 337 -37.35 3.80 16.40
CA TYR A 337 -37.18 2.78 15.38
C TYR A 337 -36.29 1.62 15.82
N ALA A 338 -36.88 0.58 16.40
CA ALA A 338 -36.05 -0.46 16.96
C ALA A 338 -35.06 -0.80 15.85
N ALA A 339 -33.78 -0.82 16.23
CA ALA A 339 -32.71 -1.17 15.28
C ALA A 339 -31.45 -1.74 15.91
N ILE A 340 -30.76 -2.62 15.17
CA ILE A 340 -29.46 -3.11 15.62
C ILE A 340 -28.33 -2.85 14.62
N MET A 341 -27.27 -2.18 15.04
CA MET A 341 -26.19 -1.83 14.09
C MET A 341 -25.03 -2.79 14.14
N GLY A 342 -24.42 -3.03 12.99
CA GLY A 342 -23.34 -4.00 13.01
C GLY A 342 -22.38 -3.80 11.88
N PHE A 343 -21.12 -4.19 12.08
CA PHE A 343 -20.09 -3.98 11.07
C PHE A 343 -19.67 -5.29 10.43
N ILE A 344 -19.46 -5.30 9.11
CA ILE A 344 -18.83 -6.45 8.48
C ILE A 344 -17.35 -6.12 8.23
N LEU A 345 -16.42 -6.77 8.94
CA LEU A 345 -15.04 -6.29 8.92
C LEU A 345 -14.09 -7.02 8.00
N ALA A 346 -13.08 -6.28 7.55
CA ALA A 346 -11.97 -6.86 6.82
C ALA A 346 -12.29 -7.96 5.85
N HIS A 347 -11.58 -9.07 5.92
CA HIS A 347 -11.78 -10.05 4.88
C HIS A 347 -13.25 -10.30 4.72
N LYS A 348 -13.93 -10.49 5.84
CA LYS A 348 -15.38 -10.70 5.77
C LYS A 348 -16.06 -9.64 4.90
N ALA A 349 -15.60 -8.40 4.96
CA ALA A 349 -16.19 -7.40 4.09
C ALA A 349 -16.10 -7.82 2.68
N ARG A 350 -14.97 -8.36 2.27
CA ARG A 350 -14.88 -8.74 0.87
C ARG A 350 -15.59 -10.06 0.64
N LYS A 351 -15.53 -11.01 1.57
CA LYS A 351 -16.19 -12.27 1.24
C LYS A 351 -17.67 -12.04 1.06
N LEU A 352 -18.32 -11.39 2.02
CA LEU A 352 -19.78 -11.31 1.96
C LEU A 352 -20.24 -10.29 0.95
N ALA A 353 -19.35 -9.45 0.45
CA ALA A 353 -19.82 -8.57 -0.60
C ALA A 353 -20.50 -9.26 -1.78
N ARG A 354 -20.02 -10.41 -2.25
CA ARG A 354 -20.68 -11.08 -3.38
C ARG A 354 -22.18 -11.38 -3.21
N LEU A 355 -22.62 -11.63 -1.98
CA LEU A 355 -24.02 -11.95 -1.71
C LEU A 355 -24.97 -10.81 -2.08
N THR A 356 -26.21 -11.15 -2.44
CA THR A 356 -27.26 -10.17 -2.71
C THR A 356 -27.64 -9.56 -1.39
N LYS A 357 -27.98 -8.28 -1.43
CA LYS A 357 -28.42 -7.57 -0.24
C LYS A 357 -29.30 -8.51 0.58
N GLU A 358 -30.31 -9.05 -0.07
CA GLU A 358 -31.15 -10.06 0.52
C GLU A 358 -30.33 -11.09 1.31
N GLU A 359 -29.55 -11.91 0.61
CA GLU A 359 -28.73 -12.96 1.24
C GLU A 359 -28.04 -12.55 2.53
N ARG A 360 -27.74 -11.27 2.62
CA ARG A 360 -26.99 -10.76 3.73
C ARG A 360 -27.88 -10.52 4.94
N LEU A 361 -29.09 -10.06 4.66
CA LEU A 361 -30.07 -9.89 5.72
C LEU A 361 -30.35 -11.23 6.41
N LYS A 362 -30.82 -12.23 5.66
CA LYS A 362 -31.03 -13.57 6.22
C LYS A 362 -29.84 -13.83 7.19
N LYS A 363 -28.64 -13.66 6.66
CA LYS A 363 -27.48 -14.00 7.43
C LYS A 363 -27.43 -13.23 8.71
N LEU A 364 -27.45 -11.91 8.65
CA LEU A 364 -27.32 -11.18 9.90
C LEU A 364 -28.32 -11.63 10.95
N CYS A 365 -29.59 -11.60 10.56
CA CYS A 365 -30.71 -12.03 11.37
C CYS A 365 -30.39 -13.34 12.05
N GLU A 366 -30.48 -14.41 11.27
CA GLU A 366 -30.18 -15.76 11.76
C GLU A 366 -29.12 -15.58 12.86
N LEU A 367 -28.04 -14.89 12.49
CA LEU A 367 -27.00 -14.67 13.44
C LEU A 367 -27.57 -14.08 14.73
N TYR A 368 -28.13 -12.89 14.61
CA TYR A 368 -28.76 -12.23 15.76
C TYR A 368 -29.75 -13.11 16.56
N ALA A 369 -30.56 -13.88 15.82
CA ALA A 369 -31.58 -14.69 16.46
C ALA A 369 -30.89 -15.64 17.43
N LYS A 370 -29.83 -16.26 16.96
CA LYS A 370 -29.14 -17.21 17.81
C LYS A 370 -28.44 -16.52 18.97
N VAL A 371 -27.86 -15.34 18.75
CA VAL A 371 -26.98 -14.76 19.76
C VAL A 371 -27.84 -14.15 20.83
N LEU A 372 -28.89 -13.48 20.39
CA LEU A 372 -29.87 -12.94 21.31
C LEU A 372 -30.69 -14.11 21.89
N GLY A 373 -30.97 -15.13 21.07
CA GLY A 373 -31.81 -16.26 21.42
C GLY A 373 -33.27 -15.82 21.42
N SER A 374 -33.83 -15.63 20.23
CA SER A 374 -35.10 -14.92 20.09
C SER A 374 -35.62 -14.99 18.68
N LEU A 375 -36.55 -15.90 18.45
CA LEU A 375 -37.16 -15.99 17.16
C LEU A 375 -37.44 -14.58 16.62
N GLU A 376 -37.81 -13.66 17.50
CA GLU A 376 -38.21 -12.34 17.05
C GLU A 376 -37.25 -11.82 16.01
N ALA A 377 -35.96 -12.04 16.20
CA ALA A 377 -35.04 -11.38 15.29
C ALA A 377 -35.24 -11.94 13.91
N LEU A 378 -35.87 -13.08 13.78
CA LEU A 378 -36.06 -13.61 12.43
C LEU A 378 -37.00 -12.72 11.66
N GLU A 379 -37.49 -11.66 12.30
CA GLU A 379 -38.55 -10.84 11.70
C GLU A 379 -38.29 -9.35 11.46
N PRO A 380 -37.27 -9.06 10.65
CA PRO A 380 -36.87 -7.70 10.27
C PRO A 380 -38.04 -7.02 9.62
N VAL A 381 -38.10 -5.70 9.66
CA VAL A 381 -39.22 -4.95 9.13
C VAL A 381 -38.67 -3.91 8.17
N HIS A 382 -37.34 -3.86 8.04
CA HIS A 382 -36.67 -3.01 7.05
C HIS A 382 -35.15 -2.99 7.19
N TYR A 383 -34.43 -3.01 6.06
CA TYR A 383 -32.95 -3.10 6.07
C TYR A 383 -32.20 -1.96 5.33
N GLU A 384 -31.02 -1.61 5.83
CA GLU A 384 -30.17 -0.57 5.23
C GLU A 384 -28.68 -0.85 5.48
N GLU A 385 -27.86 -0.62 4.46
CA GLU A 385 -26.46 -1.04 4.51
C GLU A 385 -25.62 -0.23 3.57
N LYS A 386 -24.42 0.10 3.99
CA LYS A 386 -23.44 0.69 3.09
C LYS A 386 -22.12 -0.11 3.03
N ASN A 387 -21.60 -0.22 1.81
CA ASN A 387 -20.29 -0.83 1.67
C ASN A 387 -19.24 0.14 1.15
N TRP A 388 -18.50 0.81 2.02
CA TRP A 388 -17.55 1.82 1.57
C TRP A 388 -16.46 1.32 0.63
N CYS A 389 -15.97 0.10 0.85
CA CYS A 389 -15.10 -0.53 -0.10
C CYS A 389 -15.35 -0.10 -1.52
N GLU A 390 -16.57 0.25 -1.89
CA GLU A 390 -16.79 0.55 -3.29
C GLU A 390 -16.78 2.02 -3.60
N GLU A 391 -16.14 2.82 -2.79
CA GLU A 391 -16.26 4.25 -3.04
C GLU A 391 -15.01 4.94 -3.59
N GLN A 392 -15.11 5.32 -4.86
CA GLN A 392 -13.99 5.95 -5.58
C GLN A 392 -13.44 7.14 -4.88
N TYR A 393 -14.27 7.95 -4.23
CA TYR A 393 -13.66 9.12 -3.61
C TYR A 393 -13.44 8.99 -2.13
N SER A 394 -13.38 7.77 -1.63
CA SER A 394 -12.97 7.61 -0.27
C SER A 394 -11.92 6.59 -0.05
N GLY A 395 -12.06 5.43 -0.66
CA GLY A 395 -10.95 4.52 -0.65
C GLY A 395 -11.26 3.38 0.26
N GLY A 396 -12.13 3.59 1.24
CA GLY A 396 -12.46 2.54 2.19
C GLY A 396 -12.92 3.13 3.53
N CYS A 397 -12.84 2.37 4.62
CA CYS A 397 -13.35 2.96 5.84
C CYS A 397 -12.80 2.80 7.22
N TYR A 398 -13.47 3.65 8.00
CA TYR A 398 -12.89 4.43 9.05
C TYR A 398 -11.65 5.08 8.41
N THR A 399 -10.48 4.43 8.40
CA THR A 399 -9.31 5.18 7.92
C THR A 399 -8.33 4.52 7.00
N THR A 400 -7.12 5.05 7.14
CA THR A 400 -5.90 4.56 6.51
C THR A 400 -5.09 3.78 7.51
N TYR A 401 -4.45 2.71 7.08
CA TYR A 401 -3.59 1.95 7.98
C TYR A 401 -2.22 1.90 7.43
N PHE A 402 -1.22 1.67 8.27
CA PHE A 402 0.14 1.55 7.73
C PHE A 402 0.69 0.14 7.86
N PRO A 403 1.02 -0.48 6.73
CA PRO A 403 1.71 -1.77 6.70
C PRO A 403 3.13 -1.65 7.16
N PRO A 404 3.66 -2.78 7.57
CA PRO A 404 5.00 -2.90 8.13
C PRO A 404 5.99 -1.81 7.77
N GLY A 405 6.29 -1.70 6.51
CA GLY A 405 7.51 -0.90 6.36
C GLY A 405 7.44 0.57 6.78
N ILE A 406 6.26 1.07 7.10
CA ILE A 406 6.03 2.42 6.66
C ILE A 406 5.86 3.61 7.56
N LEU A 407 5.11 3.54 8.64
CA LEU A 407 5.06 4.73 9.46
C LEU A 407 6.47 5.29 9.56
N THR A 408 7.35 4.48 10.13
CA THR A 408 8.78 4.73 10.18
C THR A 408 9.48 5.54 9.09
N GLN A 409 9.16 5.35 7.83
CA GLN A 409 10.06 5.84 6.79
C GLN A 409 9.43 7.01 6.10
N TYR A 410 8.16 6.84 5.79
CA TYR A 410 7.42 7.84 5.07
C TYR A 410 6.55 8.60 6.04
N GLY A 411 6.46 8.12 7.27
CA GLY A 411 5.64 8.79 8.25
C GLY A 411 5.73 10.30 8.33
N ARG A 412 6.91 10.85 8.53
CA ARG A 412 6.92 12.25 8.89
C ARG A 412 6.55 13.13 7.77
N VAL A 413 5.78 12.67 6.82
CA VAL A 413 5.58 13.51 5.66
C VAL A 413 4.12 13.78 5.58
N LEU A 414 3.39 12.95 6.30
CA LEU A 414 1.96 12.94 6.16
C LEU A 414 1.47 14.36 6.11
N ARG A 415 2.12 15.25 6.87
CA ARG A 415 1.62 16.61 6.95
C ARG A 415 2.68 17.73 6.71
N GLN A 416 3.85 17.33 6.23
CA GLN A 416 4.78 18.32 5.71
C GLN A 416 4.17 18.94 4.49
N PRO A 417 4.14 20.26 4.51
CA PRO A 417 3.54 21.08 3.46
C PRO A 417 4.34 21.01 2.21
N VAL A 418 3.73 21.17 1.05
CA VAL A 418 4.49 21.21 -0.20
C VAL A 418 4.31 22.52 -0.95
N ASP A 419 5.32 23.37 -0.86
CA ASP A 419 5.25 24.76 -1.28
C ASP A 419 4.10 25.54 -0.69
N ARG A 420 2.95 25.57 -1.37
CA ARG A 420 1.80 26.20 -0.75
C ARG A 420 0.59 25.28 -0.60
N ILE A 421 0.84 23.98 -0.56
CA ILE A 421 -0.24 23.06 -0.30
C ILE A 421 -0.01 22.63 1.13
N TYR A 422 -1.05 22.73 1.95
CA TYR A 422 -0.93 22.25 3.31
C TYR A 422 -1.95 21.13 3.43
N PHE A 423 -1.87 20.37 4.52
CA PHE A 423 -2.53 19.08 4.53
C PHE A 423 -3.43 18.76 5.71
N ALA A 424 -4.73 18.71 5.47
CA ALA A 424 -5.64 18.39 6.56
C ALA A 424 -6.05 16.93 6.57
N GLY A 425 -7.26 16.66 7.07
CA GLY A 425 -7.81 15.32 7.09
C GLY A 425 -7.44 14.58 8.35
N THR A 426 -8.42 13.85 8.88
CA THR A 426 -8.28 13.18 10.15
C THR A 426 -7.00 12.37 10.15
N GLU A 427 -6.68 11.78 9.01
CA GLU A 427 -5.50 10.94 8.96
C GLU A 427 -4.28 11.76 9.33
N THR A 428 -4.51 13.01 9.66
CA THR A 428 -3.40 13.92 9.87
C THR A 428 -3.27 14.36 11.34
N ALA A 429 -4.27 13.97 12.14
CA ALA A 429 -4.41 14.50 13.49
C ALA A 429 -3.38 13.92 14.46
N THR A 430 -3.72 14.04 15.74
CA THR A 430 -2.80 13.86 16.83
C THR A 430 -3.59 13.30 17.95
N HIS A 431 -4.87 13.66 17.95
CA HIS A 431 -5.84 13.08 18.87
C HIS A 431 -6.94 12.36 18.08
N TRP A 432 -7.34 11.18 18.51
CA TRP A 432 -8.55 10.68 17.87
C TRP A 432 -8.36 10.73 16.35
N SER A 433 -7.13 10.63 15.87
CA SER A 433 -7.08 10.57 14.42
C SER A 433 -7.79 9.33 13.93
N GLY A 434 -8.49 9.47 12.83
CA GLY A 434 -9.10 8.30 12.27
C GLY A 434 -10.55 8.48 12.55
N TYR A 435 -10.80 9.30 13.56
CA TYR A 435 -12.17 9.60 13.97
C TYR A 435 -12.56 11.02 13.51
N MET A 436 -13.86 11.31 13.52
CA MET A 436 -14.33 12.64 13.21
C MET A 436 -13.56 13.72 13.97
N GLU A 437 -13.46 13.61 15.29
CA GLU A 437 -12.71 14.63 16.06
C GLU A 437 -11.44 14.95 15.36
N GLY A 438 -10.63 13.93 15.13
CA GLY A 438 -9.44 14.11 14.32
C GLY A 438 -9.74 15.04 13.17
N ALA A 439 -10.50 14.56 12.21
CA ALA A 439 -10.73 15.43 11.07
C ALA A 439 -10.91 16.88 11.46
N VAL A 440 -11.54 17.17 12.59
CA VAL A 440 -11.59 18.59 12.92
C VAL A 440 -10.23 19.12 13.30
N GLU A 441 -9.57 18.46 14.25
CA GLU A 441 -8.31 19.01 14.72
C GLU A 441 -7.47 19.32 13.51
N ALA A 442 -7.49 18.39 12.56
CA ALA A 442 -6.66 18.56 11.38
C ALA A 442 -6.99 19.89 10.73
N GLY A 443 -8.13 19.89 10.04
CA GLY A 443 -8.57 21.06 9.30
C GLY A 443 -8.20 22.33 10.05
N GLU A 444 -8.70 22.44 11.26
CA GLU A 444 -8.43 23.67 11.96
C GLU A 444 -6.95 23.94 11.93
N ARG A 445 -6.16 23.01 12.45
CA ARG A 445 -4.72 23.24 12.57
C ARG A 445 -4.16 23.67 11.22
N ALA A 446 -4.44 22.88 10.21
CA ALA A 446 -4.13 23.23 8.84
C ALA A 446 -4.34 24.69 8.55
N ALA A 447 -5.56 25.06 8.27
CA ALA A 447 -5.87 26.46 8.08
C ALA A 447 -4.95 27.36 8.91
N ARG A 448 -4.94 27.13 10.22
CA ARG A 448 -4.17 28.03 11.04
C ARG A 448 -2.75 28.10 10.48
N GLU A 449 -2.26 26.98 9.95
CA GLU A 449 -0.92 26.92 9.38
C GLU A 449 -0.87 28.01 8.35
N ILE A 450 -1.88 28.08 7.51
CA ILE A 450 -1.82 29.09 6.47
C ILE A 450 -1.86 30.47 7.09
N LEU A 451 -2.71 30.66 8.11
CA LEU A 451 -2.74 31.97 8.74
C LEU A 451 -1.33 32.40 9.07
N HIS A 452 -0.66 31.60 9.88
CA HIS A 452 0.73 31.92 10.21
C HIS A 452 1.58 32.22 8.99
N ALA A 453 1.27 31.58 7.87
CA ALA A 453 2.09 31.85 6.70
C ALA A 453 1.86 33.30 6.31
N MET A 454 0.59 33.70 6.25
CA MET A 454 0.24 35.03 5.82
C MET A 454 0.67 36.04 6.87
N GLY A 455 1.09 35.57 8.02
CA GLY A 455 1.58 36.50 9.02
C GLY A 455 0.53 37.12 9.94
N LYS A 456 -0.67 36.56 10.00
CA LYS A 456 -1.67 37.03 10.96
C LYS A 456 -1.65 36.27 12.29
N ILE A 457 -0.55 35.59 12.62
CA ILE A 457 -0.52 34.70 13.77
C ILE A 457 0.84 34.08 13.89
N PRO A 458 1.27 33.80 15.10
CA PRO A 458 2.57 33.15 15.35
C PRO A 458 2.58 31.62 15.49
N GLU A 459 3.77 31.05 15.33
CA GLU A 459 3.96 29.62 15.55
C GLU A 459 3.03 29.22 16.69
N ASP A 460 2.98 30.07 17.72
CA ASP A 460 2.11 29.86 18.86
C ASP A 460 0.83 29.15 18.48
N GLU A 461 0.04 29.81 17.64
CA GLU A 461 -1.37 29.48 17.53
C GLU A 461 -1.74 28.50 16.44
N ILE A 462 -0.72 27.83 15.91
CA ILE A 462 -0.98 26.77 14.97
C ILE A 462 -1.64 25.66 15.75
N TRP A 463 -0.92 25.08 16.69
CA TRP A 463 -1.49 24.09 17.57
C TRP A 463 -2.22 24.75 18.75
N GLN A 464 -3.47 24.35 19.00
CA GLN A 464 -4.33 25.04 19.96
C GLN A 464 -5.12 24.07 20.84
N SER A 465 -5.35 24.43 22.11
CA SER A 465 -6.00 23.46 22.97
C SER A 465 -7.53 23.36 22.97
N GLU A 466 -7.98 22.42 23.79
CA GLU A 466 -9.22 21.69 23.60
C GLU A 466 -9.96 21.86 24.90
N PRO A 467 -10.82 22.86 25.03
CA PRO A 467 -11.59 23.08 26.26
C PRO A 467 -12.65 22.01 26.53
N GLU A 468 -12.64 21.37 27.70
CA GLU A 468 -13.57 20.25 27.94
C GLU A 468 -15.05 20.62 27.80
N SER A 469 -15.81 19.79 27.09
CA SER A 469 -17.22 20.05 26.88
C SER A 469 -17.95 20.02 28.19
N VAL A 470 -19.00 20.82 28.32
CA VAL A 470 -19.70 20.73 29.58
C VAL A 470 -20.61 19.56 29.46
N ASP A 471 -21.20 19.38 28.29
CA ASP A 471 -22.23 18.37 28.16
C ASP A 471 -21.70 16.95 28.12
N VAL A 472 -20.46 16.78 27.70
CA VAL A 472 -19.82 15.47 27.74
C VAL A 472 -18.53 15.54 28.54
N PRO A 473 -18.68 15.64 29.85
CA PRO A 473 -17.54 15.68 30.77
C PRO A 473 -16.82 14.35 30.80
N ALA A 474 -15.56 14.38 31.18
CA ALA A 474 -14.75 13.20 31.05
C ALA A 474 -14.10 12.81 32.35
N GLN A 475 -14.25 11.55 32.72
CA GLN A 475 -13.59 11.07 33.91
C GLN A 475 -12.56 10.02 33.58
N PRO A 476 -11.52 9.99 34.38
CA PRO A 476 -10.26 9.38 33.97
C PRO A 476 -10.29 7.87 34.13
N ILE A 477 -9.16 7.25 33.82
CA ILE A 477 -9.10 5.82 33.67
C ILE A 477 -8.52 5.18 34.94
N THR A 478 -9.15 4.12 35.41
CA THR A 478 -8.94 3.59 36.77
C THR A 478 -8.16 2.28 36.83
N THR A 479 -7.09 2.19 37.61
CA THR A 479 -6.44 0.88 37.70
C THR A 479 -6.51 0.18 39.05
N THR A 480 -6.04 -1.06 39.12
CA THR A 480 -6.20 -1.84 40.34
C THR A 480 -4.88 -2.43 40.80
N PHE A 481 -4.46 -2.07 42.00
CA PHE A 481 -3.25 -2.67 42.48
C PHE A 481 -3.14 -4.02 41.77
N LEU A 482 -4.16 -4.87 41.89
CA LEU A 482 -4.10 -6.22 41.32
C LEU A 482 -3.94 -6.20 39.82
N GLU A 483 -4.82 -5.41 39.20
CA GLU A 483 -4.88 -5.23 37.75
C GLU A 483 -3.50 -4.94 37.20
N ARG A 484 -2.75 -4.13 37.94
CA ARG A 484 -1.44 -3.72 37.47
C ARG A 484 -0.27 -4.43 38.12
N HIS A 485 -0.50 -5.51 38.87
CA HIS A 485 0.63 -6.30 39.34
C HIS A 485 0.47 -7.79 39.16
N LEU A 486 -0.73 -8.25 38.84
CA LEU A 486 -0.77 -9.65 38.51
C LEU A 486 0.36 -9.93 37.51
N PRO A 487 0.99 -11.09 37.61
CA PRO A 487 2.02 -11.50 36.65
C PRO A 487 1.41 -11.88 35.30
N SER A 488 2.26 -12.11 34.32
CA SER A 488 1.84 -12.62 33.03
C SER A 488 1.93 -14.11 33.16
N VAL A 489 1.51 -14.83 32.14
CA VAL A 489 1.62 -16.27 32.24
C VAL A 489 3.07 -16.69 32.36
N PRO A 490 3.95 -15.94 31.72
CA PRO A 490 5.38 -16.13 31.89
C PRO A 490 5.82 -15.78 33.30
N GLY A 491 5.52 -14.58 33.77
CA GLY A 491 5.85 -14.25 35.15
C GLY A 491 5.52 -15.39 36.10
N LEU A 492 4.25 -15.80 36.11
CA LEU A 492 3.84 -16.90 36.95
C LEU A 492 4.81 -18.05 36.75
N LEU A 493 5.05 -18.43 35.50
CA LEU A 493 5.95 -19.54 35.22
C LEU A 493 7.25 -19.31 35.93
N ARG A 494 7.92 -18.21 35.65
CA ARG A 494 9.21 -17.94 36.25
C ARG A 494 9.07 -17.87 37.77
N LEU A 495 7.94 -17.45 38.30
CA LEU A 495 7.80 -17.34 39.73
C LEU A 495 7.99 -18.71 40.36
N ILE A 496 7.28 -19.70 39.84
CA ILE A 496 7.46 -21.09 40.25
C ILE A 496 8.94 -21.47 40.33
N GLY A 497 9.47 -21.44 41.57
CA GLY A 497 10.87 -21.73 41.88
C GLY A 497 10.98 -22.84 42.93
N LEU A 498 10.78 -24.09 42.46
CA LEU A 498 10.83 -25.31 43.27
C LEU A 498 12.25 -25.57 43.79
N THR A 499 13.22 -25.07 43.02
CA THR A 499 14.64 -25.01 43.39
C THR A 499 14.86 -24.67 44.87
N THR A 500 14.15 -23.65 45.34
CA THR A 500 14.21 -23.20 46.73
C THR A 500 13.28 -23.99 47.65
N LYS B 4 -10.35 10.47 -32.66
CA LYS B 4 -11.13 9.22 -32.38
C LYS B 4 -10.72 8.03 -33.26
N CYS B 5 -10.93 6.80 -32.74
CA CYS B 5 -10.47 5.58 -33.45
C CYS B 5 -11.13 4.23 -33.04
N ASP B 6 -10.23 3.23 -33.17
CA ASP B 6 -10.41 1.78 -32.86
C ASP B 6 -10.07 1.25 -31.43
N VAL B 7 -8.82 1.37 -31.02
CA VAL B 7 -8.37 0.95 -29.66
C VAL B 7 -7.36 1.96 -29.16
N VAL B 8 -7.58 2.44 -27.97
CA VAL B 8 -6.65 3.37 -27.35
C VAL B 8 -5.85 2.61 -26.34
N VAL B 9 -4.52 2.82 -26.33
CA VAL B 9 -3.63 2.17 -25.39
C VAL B 9 -3.18 3.25 -24.46
N VAL B 10 -3.25 3.00 -23.16
CA VAL B 10 -2.85 4.02 -22.21
C VAL B 10 -1.39 4.14 -21.83
N GLY B 11 -0.58 3.08 -21.85
CA GLY B 11 0.84 3.40 -21.70
C GLY B 11 1.84 3.52 -22.84
N GLY B 12 2.78 4.46 -22.70
CA GLY B 12 3.83 4.63 -23.70
C GLY B 12 5.03 3.71 -23.65
N GLY B 13 5.10 2.78 -22.72
CA GLY B 13 6.29 1.97 -22.55
C GLY B 13 6.31 0.64 -23.27
N ILE B 14 7.28 -0.21 -22.98
CA ILE B 14 7.46 -1.38 -23.79
C ILE B 14 6.17 -2.18 -23.95
N SER B 15 5.53 -2.53 -22.84
CA SER B 15 4.29 -3.31 -22.91
C SER B 15 3.21 -2.67 -23.79
N GLY B 16 3.10 -1.34 -23.70
CA GLY B 16 2.17 -0.57 -24.51
C GLY B 16 2.45 -0.75 -25.99
N MET B 17 3.56 -0.19 -26.42
CA MET B 17 4.04 -0.33 -27.77
C MET B 17 3.96 -1.75 -28.29
N ALA B 18 4.52 -2.69 -27.54
CA ALA B 18 4.47 -4.05 -27.97
C ALA B 18 3.01 -4.27 -28.32
N ALA B 19 2.12 -3.91 -27.42
CA ALA B 19 0.71 -4.17 -27.70
C ALA B 19 0.23 -3.30 -28.83
N ALA B 20 0.48 -2.00 -28.77
CA ALA B 20 0.06 -1.15 -29.87
C ALA B 20 0.41 -1.78 -31.21
N LYS B 21 1.69 -2.12 -31.40
CA LYS B 21 2.14 -2.80 -32.61
C LYS B 21 1.34 -4.07 -32.88
N LEU B 22 1.35 -5.04 -31.99
CA LEU B 22 0.62 -6.25 -32.35
C LEU B 22 -0.69 -5.92 -33.05
N LEU B 23 -1.48 -5.06 -32.42
CA LEU B 23 -2.78 -4.70 -32.94
C LEU B 23 -2.64 -4.21 -34.34
N HIS B 24 -1.86 -3.16 -34.50
CA HIS B 24 -1.63 -2.50 -35.77
C HIS B 24 -1.07 -3.38 -36.88
N ASP B 25 -0.07 -4.20 -36.58
CA ASP B 25 0.35 -5.17 -37.57
C ASP B 25 -0.87 -5.93 -38.01
N SER B 26 -1.96 -5.78 -37.29
CA SER B 26 -3.16 -6.57 -37.52
C SER B 26 -4.32 -5.82 -38.15
N GLY B 27 -4.07 -4.60 -38.64
CA GLY B 27 -5.09 -3.84 -39.32
C GLY B 27 -5.82 -2.88 -38.42
N LEU B 28 -5.76 -3.07 -37.12
CA LEU B 28 -6.59 -2.22 -36.28
C LEU B 28 -6.04 -0.82 -36.23
N ASN B 29 -6.92 0.15 -35.99
CA ASN B 29 -6.50 1.54 -35.86
C ASN B 29 -6.18 1.92 -34.45
N VAL B 30 -4.90 2.00 -34.11
CA VAL B 30 -4.53 2.11 -32.73
C VAL B 30 -4.10 3.51 -32.40
N VAL B 31 -4.02 3.86 -31.12
CA VAL B 31 -3.43 5.15 -30.75
C VAL B 31 -2.82 5.08 -29.37
N VAL B 32 -1.61 5.60 -29.20
CA VAL B 32 -0.95 5.46 -27.92
C VAL B 32 -0.87 6.76 -27.21
N LEU B 33 -1.55 6.85 -26.08
CA LEU B 33 -1.61 8.07 -25.31
C LEU B 33 -0.50 7.96 -24.30
N GLU B 34 0.49 8.83 -24.44
CA GLU B 34 1.62 8.78 -23.54
C GLU B 34 1.92 10.12 -22.88
N ALA B 35 2.19 10.03 -21.60
CA ALA B 35 2.05 11.17 -20.75
C ALA B 35 3.30 12.02 -20.69
N ARG B 36 4.49 11.50 -20.98
CA ARG B 36 5.66 12.38 -20.97
C ARG B 36 6.29 12.56 -22.35
N ASP B 37 7.29 13.40 -22.49
CA ASP B 37 7.85 13.54 -23.81
C ASP B 37 8.65 12.32 -24.22
N ARG B 38 9.19 11.52 -23.33
CA ARG B 38 9.91 10.39 -23.89
C ARG B 38 8.96 9.24 -24.04
N VAL B 39 9.47 8.06 -24.30
CA VAL B 39 8.51 7.02 -24.57
C VAL B 39 9.03 5.72 -24.04
N GLY B 40 10.28 5.67 -23.62
CA GLY B 40 10.68 4.42 -22.97
C GLY B 40 9.97 4.15 -21.64
N GLY B 41 9.98 2.93 -21.17
CA GLY B 41 9.18 2.76 -19.98
C GLY B 41 9.84 3.29 -18.73
N ARG B 42 9.93 2.40 -17.75
CA ARG B 42 10.90 2.58 -16.72
C ARG B 42 12.14 2.15 -17.48
N THR B 43 12.27 2.64 -18.70
CA THR B 43 13.28 2.18 -19.63
C THR B 43 13.70 3.47 -20.30
N TYR B 44 14.97 3.81 -20.24
CA TYR B 44 15.36 5.15 -20.64
C TYR B 44 16.82 5.17 -20.91
N THR B 45 17.23 5.71 -22.05
CA THR B 45 18.62 5.65 -22.48
C THR B 45 19.20 7.04 -22.71
N LEU B 46 20.12 7.41 -21.86
CA LEU B 46 20.69 8.75 -21.94
C LEU B 46 21.70 8.68 -23.03
N ARG B 47 21.92 9.80 -23.67
CA ARG B 47 22.87 9.82 -24.74
C ARG B 47 23.51 11.18 -24.60
N ASN B 48 24.84 11.21 -24.70
CA ASN B 48 25.61 12.43 -24.54
C ASN B 48 27.07 12.05 -24.71
N GLN B 49 27.90 12.98 -25.16
CA GLN B 49 29.24 12.60 -25.57
C GLN B 49 30.06 11.86 -24.52
N LYS B 50 30.00 12.32 -23.27
CA LYS B 50 30.79 11.75 -22.21
C LYS B 50 30.49 10.26 -22.07
N VAL B 51 29.26 9.89 -22.28
CA VAL B 51 28.86 8.52 -22.07
C VAL B 51 28.57 7.76 -23.35
N LYS B 52 28.26 8.50 -24.41
CA LYS B 52 27.75 7.91 -25.64
C LYS B 52 26.33 7.39 -25.42
N TYR B 53 26.16 6.33 -24.64
CA TYR B 53 24.83 5.93 -24.18
C TYR B 53 24.88 5.15 -22.87
N VAL B 54 23.84 5.31 -22.05
CA VAL B 54 23.69 4.50 -20.84
C VAL B 54 22.24 4.32 -20.55
N ASP B 55 21.89 3.08 -20.25
CA ASP B 55 20.57 2.80 -19.76
C ASP B 55 20.50 3.32 -18.33
N LEU B 56 19.61 4.24 -18.07
CA LEU B 56 19.40 4.66 -16.70
C LEU B 56 18.23 3.92 -16.07
N GLY B 57 17.51 3.18 -16.91
CA GLY B 57 16.34 2.44 -16.51
C GLY B 57 16.68 0.96 -16.49
N GLY B 58 16.01 0.15 -17.29
CA GLY B 58 16.24 -1.26 -17.16
C GLY B 58 17.08 -1.74 -18.31
N SER B 59 18.10 -2.56 -18.07
CA SER B 59 18.82 -3.04 -19.21
C SER B 59 19.10 -4.50 -19.42
N TYR B 60 19.39 -5.25 -18.38
CA TYR B 60 19.86 -6.59 -18.62
C TYR B 60 18.77 -7.39 -19.30
N VAL B 61 19.08 -8.56 -19.86
CA VAL B 61 18.09 -9.30 -20.61
C VAL B 61 18.75 -10.64 -20.86
N GLY B 62 18.05 -11.77 -20.86
CA GLY B 62 18.80 -13.02 -20.91
C GLY B 62 18.26 -14.34 -21.45
N PRO B 63 19.07 -15.38 -21.30
CA PRO B 63 18.71 -16.73 -21.69
C PRO B 63 17.23 -16.92 -21.59
N THR B 64 16.59 -16.62 -20.48
CA THR B 64 15.25 -17.14 -20.53
C THR B 64 14.08 -16.44 -21.19
N GLN B 65 14.43 -15.28 -21.72
CA GLN B 65 13.51 -14.18 -21.99
C GLN B 65 13.30 -14.15 -23.47
N ASN B 66 12.69 -15.22 -23.92
CA ASN B 66 12.60 -15.38 -25.35
C ASN B 66 11.87 -14.32 -26.13
N ARG B 67 11.10 -13.47 -25.48
CA ARG B 67 10.28 -12.57 -26.26
C ARG B 67 10.86 -11.19 -26.39
N ILE B 68 11.45 -10.63 -25.36
CA ILE B 68 11.87 -9.29 -25.70
C ILE B 68 13.01 -9.42 -26.67
N LEU B 69 13.84 -10.43 -26.44
CA LEU B 69 14.88 -10.79 -27.39
C LEU B 69 14.28 -10.70 -28.79
N ARG B 70 13.36 -11.61 -29.12
CA ARG B 70 12.73 -11.55 -30.43
C ARG B 70 12.29 -10.17 -30.95
N LEU B 71 11.62 -9.40 -30.10
CA LEU B 71 10.96 -8.19 -30.53
C LEU B 71 12.14 -7.38 -30.90
N ALA B 72 13.03 -7.21 -29.93
CA ALA B 72 14.25 -6.46 -30.12
C ALA B 72 14.93 -6.75 -31.45
N LYS B 73 14.95 -8.01 -31.85
CA LYS B 73 15.56 -8.38 -33.12
C LYS B 73 14.80 -7.82 -34.32
N GLU B 74 13.53 -8.15 -34.42
CA GLU B 74 12.70 -7.59 -35.47
C GLU B 74 12.98 -6.09 -35.61
N LEU B 75 13.37 -5.38 -34.58
CA LEU B 75 13.53 -3.96 -34.85
C LEU B 75 14.98 -3.65 -35.08
N GLY B 76 15.73 -4.73 -35.26
CA GLY B 76 17.09 -4.66 -35.72
C GLY B 76 18.03 -4.30 -34.61
N LEU B 77 17.92 -4.93 -33.46
CA LEU B 77 18.83 -4.56 -32.40
C LEU B 77 19.73 -5.71 -32.07
N GLU B 78 20.85 -5.44 -31.41
CA GLU B 78 21.76 -6.53 -31.07
C GLU B 78 22.20 -6.56 -29.61
N THR B 79 22.32 -7.78 -29.11
CA THR B 79 22.78 -8.14 -27.77
C THR B 79 24.29 -8.00 -27.66
N TYR B 80 24.84 -7.92 -26.45
CA TYR B 80 26.26 -8.17 -26.24
C TYR B 80 26.46 -8.66 -24.82
N LYS B 81 27.33 -9.64 -24.58
CA LYS B 81 27.45 -10.20 -23.22
C LYS B 81 28.14 -9.24 -22.24
N VAL B 82 27.83 -9.36 -20.95
CA VAL B 82 28.33 -8.48 -19.91
C VAL B 82 29.65 -9.07 -19.47
N ASN B 83 30.57 -8.27 -18.94
CA ASN B 83 31.81 -8.94 -18.59
C ASN B 83 31.72 -9.93 -17.46
N GLU B 84 32.01 -11.20 -17.71
CA GLU B 84 32.12 -12.14 -16.62
C GLU B 84 33.31 -13.09 -16.81
N VAL B 85 34.35 -12.61 -17.50
CA VAL B 85 35.58 -13.37 -17.71
C VAL B 85 36.44 -13.44 -16.46
N GLU B 86 36.73 -12.31 -15.83
CA GLU B 86 37.53 -12.31 -14.60
C GLU B 86 36.84 -12.86 -13.31
N ARG B 87 37.38 -12.61 -12.12
CA ARG B 87 36.79 -13.22 -10.94
C ARG B 87 35.80 -12.26 -10.35
N LEU B 88 34.98 -12.71 -9.39
CA LEU B 88 34.01 -11.83 -8.76
C LEU B 88 34.34 -11.68 -7.32
N ILE B 89 33.69 -10.74 -6.65
CA ILE B 89 34.03 -10.49 -5.29
C ILE B 89 32.82 -10.50 -4.40
N HIS B 90 33.02 -11.11 -3.22
CA HIS B 90 32.10 -11.10 -2.11
C HIS B 90 32.96 -10.45 -1.04
N HIS B 91 32.56 -9.27 -0.61
CA HIS B 91 33.27 -8.51 0.40
C HIS B 91 32.42 -8.61 1.67
N VAL B 92 32.87 -9.36 2.68
CA VAL B 92 32.12 -9.38 3.92
C VAL B 92 32.95 -9.15 5.17
N LYS B 93 32.36 -8.48 6.14
CA LYS B 93 33.12 -8.15 7.34
C LYS B 93 34.41 -7.45 6.95
N GLY B 94 34.28 -6.53 6.00
CA GLY B 94 35.38 -5.66 5.63
C GLY B 94 36.49 -6.23 4.78
N LYS B 95 36.39 -7.47 4.32
CA LYS B 95 37.39 -7.97 3.38
C LYS B 95 36.77 -8.47 2.10
N SER B 96 37.56 -8.38 1.03
CA SER B 96 37.16 -8.97 -0.23
C SER B 96 37.71 -10.36 -0.49
N TYR B 97 36.80 -11.26 -0.87
CA TYR B 97 37.07 -12.63 -1.23
C TYR B 97 36.59 -12.85 -2.64
N PRO B 98 37.51 -13.23 -3.50
CA PRO B 98 37.28 -13.40 -4.91
C PRO B 98 36.84 -14.82 -5.17
N PHE B 99 36.16 -15.07 -6.28
CA PHE B 99 35.72 -16.41 -6.65
C PHE B 99 35.21 -16.43 -8.08
N ARG B 100 35.00 -17.65 -8.60
CA ARG B 100 34.34 -17.88 -9.89
C ARG B 100 32.95 -18.52 -9.72
N GLY B 101 32.16 -18.61 -10.79
CA GLY B 101 30.86 -19.26 -10.70
C GLY B 101 29.83 -18.35 -10.09
N PRO B 102 28.54 -18.71 -10.17
CA PRO B 102 27.43 -17.83 -9.81
C PRO B 102 27.35 -17.53 -8.35
N PHE B 103 27.99 -18.36 -7.52
CA PHE B 103 27.67 -18.44 -6.11
C PHE B 103 28.94 -18.40 -5.27
N PRO B 104 28.96 -17.55 -4.25
CA PRO B 104 30.16 -17.36 -3.44
C PRO B 104 30.31 -18.51 -2.47
N PRO B 105 31.53 -19.00 -2.26
CA PRO B 105 31.74 -20.25 -1.53
C PRO B 105 31.65 -20.01 -0.05
N VAL B 106 31.17 -20.98 0.74
CA VAL B 106 31.18 -20.82 2.17
C VAL B 106 32.03 -21.84 2.91
N TRP B 107 32.71 -21.31 3.91
CA TRP B 107 33.72 -22.02 4.67
C TRP B 107 33.19 -23.16 5.56
N ASN B 108 32.40 -22.80 6.56
CA ASN B 108 32.07 -23.64 7.68
C ASN B 108 30.97 -24.61 7.33
N PRO B 109 31.17 -25.89 7.64
CA PRO B 109 30.16 -26.89 7.31
C PRO B 109 28.84 -26.48 7.91
N ILE B 110 28.82 -25.92 9.12
CA ILE B 110 27.52 -25.80 9.78
C ILE B 110 26.78 -24.59 9.22
N THR B 111 27.08 -24.31 7.96
CA THR B 111 26.78 -23.00 7.39
C THR B 111 26.61 -23.29 5.92
N TYR B 112 27.48 -24.17 5.44
CA TYR B 112 27.39 -24.61 4.09
C TYR B 112 26.02 -25.26 4.10
N LEU B 113 25.74 -26.02 5.17
CA LEU B 113 24.51 -26.80 5.25
C LEU B 113 23.31 -25.86 5.21
N ASP B 114 23.40 -24.81 6.02
CA ASP B 114 22.36 -23.81 6.15
C ASP B 114 22.11 -23.22 4.80
N HIS B 115 23.02 -22.35 4.36
CA HIS B 115 22.83 -21.73 3.05
C HIS B 115 22.22 -22.71 2.07
N ASN B 116 22.81 -23.89 1.93
CA ASN B 116 22.33 -24.84 0.93
C ASN B 116 20.85 -25.05 1.12
N ASN B 117 20.44 -25.26 2.36
CA ASN B 117 19.01 -25.38 2.64
C ASN B 117 18.17 -24.16 2.26
N PHE B 118 18.71 -22.99 2.58
CA PHE B 118 17.94 -21.80 2.30
C PHE B 118 17.40 -21.77 0.90
N TRP B 119 18.29 -21.58 -0.04
CA TRP B 119 17.85 -21.53 -1.43
C TRP B 119 17.07 -22.77 -1.82
N ARG B 120 17.58 -23.92 -1.46
CA ARG B 120 16.92 -25.12 -1.90
C ARG B 120 15.45 -24.98 -1.57
N THR B 121 15.21 -24.30 -0.45
CA THR B 121 13.90 -24.30 0.14
C THR B 121 13.01 -23.33 -0.59
N MET B 122 13.55 -22.17 -0.91
CA MET B 122 12.88 -21.24 -1.81
C MET B 122 12.32 -21.95 -2.99
N ASP B 123 12.98 -22.99 -3.44
CA ASP B 123 12.62 -23.52 -4.74
C ASP B 123 11.58 -24.58 -4.53
N ASP B 124 11.73 -25.30 -3.43
CA ASP B 124 10.75 -26.31 -3.09
C ASP B 124 9.44 -25.58 -2.92
N MET B 125 9.49 -24.44 -2.23
CA MET B 125 8.31 -23.69 -1.86
C MET B 125 7.68 -23.14 -3.11
N GLY B 126 8.48 -22.88 -4.13
CA GLY B 126 7.90 -22.26 -5.29
C GLY B 126 7.26 -23.29 -6.20
N ARG B 127 7.81 -24.50 -6.16
CA ARG B 127 7.41 -25.56 -7.08
C ARG B 127 5.95 -25.81 -6.82
N GLU B 128 5.43 -25.09 -5.83
CA GLU B 128 4.03 -25.31 -5.48
C GLU B 128 3.14 -24.14 -5.72
N ILE B 129 3.65 -23.13 -6.39
CA ILE B 129 2.85 -21.97 -6.65
C ILE B 129 2.65 -21.82 -8.13
N PRO B 130 1.46 -22.08 -8.62
CA PRO B 130 1.12 -21.86 -10.03
C PRO B 130 1.44 -20.42 -10.46
N SER B 131 2.20 -20.18 -11.52
CA SER B 131 2.60 -18.81 -11.86
C SER B 131 1.35 -18.12 -12.26
N ASP B 132 0.72 -18.82 -13.17
CA ASP B 132 -0.64 -18.62 -13.62
C ASP B 132 -1.46 -17.81 -12.64
N ALA B 133 -1.47 -18.30 -11.40
CA ALA B 133 -2.35 -17.84 -10.33
C ALA B 133 -1.86 -18.27 -8.94
N PRO B 134 -0.94 -17.49 -8.42
CA PRO B 134 -0.22 -17.85 -7.20
C PRO B 134 -1.21 -18.09 -6.10
N TRP B 135 -2.40 -17.51 -6.18
CA TRP B 135 -3.23 -17.51 -4.99
C TRP B 135 -3.88 -18.84 -4.79
N LYS B 136 -3.51 -19.79 -5.63
CA LYS B 136 -4.15 -21.07 -5.48
C LYS B 136 -3.21 -22.08 -4.86
N ALA B 137 -2.20 -21.63 -4.16
CA ALA B 137 -1.25 -22.61 -3.71
C ALA B 137 -1.81 -23.34 -2.51
N PRO B 138 -1.44 -24.60 -2.34
CA PRO B 138 -1.91 -25.33 -1.17
C PRO B 138 -1.77 -24.44 0.05
N LEU B 139 -0.70 -23.68 0.17
CA LEU B 139 -0.54 -22.99 1.44
C LEU B 139 -0.66 -21.49 1.27
N ALA B 140 -1.39 -21.10 0.23
CA ALA B 140 -1.42 -19.70 -0.12
C ALA B 140 -1.54 -18.79 1.08
N GLU B 141 -2.67 -18.81 1.77
CA GLU B 141 -2.88 -17.92 2.90
C GLU B 141 -1.76 -17.95 3.91
N GLU B 142 -1.46 -19.13 4.43
CA GLU B 142 -0.41 -19.17 5.43
C GLU B 142 0.79 -18.35 4.96
N TRP B 143 1.20 -18.54 3.70
CA TRP B 143 2.39 -17.89 3.17
C TRP B 143 2.13 -16.43 2.91
N ASP B 144 0.91 -16.11 2.52
CA ASP B 144 0.58 -14.72 2.28
C ASP B 144 0.38 -13.94 3.58
N ASN B 145 0.08 -14.55 4.71
CA ASN B 145 -0.03 -13.66 5.85
C ASN B 145 1.29 -13.51 6.59
N MET B 146 2.36 -14.08 6.04
CA MET B 146 3.69 -14.03 6.67
C MET B 146 4.52 -13.03 5.91
N THR B 147 5.60 -12.58 6.50
CA THR B 147 6.47 -11.63 5.82
C THR B 147 7.81 -12.24 5.41
N MET B 148 8.47 -11.77 4.36
CA MET B 148 9.73 -12.45 4.04
C MET B 148 10.68 -12.53 5.23
N LYS B 149 10.74 -11.45 5.99
CA LYS B 149 11.66 -11.48 7.12
C LYS B 149 11.29 -12.62 8.08
N GLU B 150 9.98 -12.83 8.25
CA GLU B 150 9.47 -13.88 9.14
C GLU B 150 10.00 -15.18 8.63
N LEU B 151 9.81 -15.42 7.35
CA LEU B 151 10.28 -16.65 6.74
C LEU B 151 11.78 -16.74 6.99
N LEU B 152 12.51 -15.69 6.66
CA LEU B 152 13.92 -15.87 6.76
C LEU B 152 14.20 -16.20 8.19
N ASP B 153 13.62 -15.44 9.10
CA ASP B 153 13.89 -15.66 10.52
C ASP B 153 13.63 -17.12 10.87
N LYS B 154 12.63 -17.73 10.28
CA LYS B 154 12.27 -19.06 10.73
C LYS B 154 13.20 -20.07 10.08
N LEU B 155 13.77 -19.67 8.95
CA LEU B 155 14.34 -20.60 8.01
C LEU B 155 15.84 -20.78 8.07
N CYS B 156 16.52 -19.88 8.75
CA CYS B 156 17.97 -19.73 8.67
C CYS B 156 18.61 -19.86 10.01
N TRP B 157 19.47 -20.85 10.19
CA TRP B 157 20.07 -20.98 11.50
C TRP B 157 21.40 -20.27 11.60
N THR B 158 21.80 -19.59 10.53
CA THR B 158 23.10 -18.96 10.61
C THR B 158 22.89 -17.55 10.21
N GLU B 159 23.60 -16.65 10.85
CA GLU B 159 23.68 -15.26 10.40
C GLU B 159 24.23 -15.05 8.98
N SER B 160 25.43 -15.52 8.69
CA SER B 160 25.84 -15.58 7.31
C SER B 160 24.64 -15.74 6.40
N ALA B 161 23.82 -16.75 6.61
CA ALA B 161 22.78 -16.96 5.63
C ALA B 161 21.72 -15.89 5.75
N LYS B 162 21.27 -15.64 6.96
CA LYS B 162 20.21 -14.66 7.08
C LYS B 162 20.55 -13.38 6.29
N GLN B 163 21.80 -12.92 6.39
CA GLN B 163 22.12 -11.71 5.66
C GLN B 163 22.13 -11.87 4.14
N LEU B 164 22.83 -12.87 3.66
CA LEU B 164 22.86 -13.07 2.23
C LEU B 164 21.43 -13.04 1.76
N ALA B 165 20.55 -13.76 2.44
CA ALA B 165 19.17 -13.87 1.92
C ALA B 165 18.53 -12.51 1.89
N THR B 166 18.63 -11.81 3.00
CA THR B 166 18.17 -10.42 2.99
C THR B 166 18.58 -9.68 1.70
N LEU B 167 19.89 -9.60 1.46
CA LEU B 167 20.45 -8.98 0.25
C LEU B 167 19.81 -9.52 -1.01
N PHE B 168 19.89 -10.83 -1.16
CA PHE B 168 19.25 -11.44 -2.30
C PHE B 168 17.94 -10.73 -2.55
N VAL B 169 17.31 -10.30 -1.46
CA VAL B 169 15.94 -9.86 -1.57
C VAL B 169 15.81 -8.41 -1.82
N ASN B 170 16.44 -7.65 -0.94
CA ASN B 170 16.72 -6.26 -1.20
C ASN B 170 17.01 -6.09 -2.71
N LEU B 171 17.76 -7.03 -3.27
CA LEU B 171 18.22 -6.89 -4.63
C LEU B 171 17.25 -7.21 -5.74
N CYS B 172 16.41 -8.21 -5.58
CA CYS B 172 15.55 -8.62 -6.70
C CYS B 172 14.40 -7.69 -6.84
N VAL B 173 13.63 -7.65 -5.79
CA VAL B 173 12.45 -6.84 -5.76
C VAL B 173 13.03 -5.64 -5.13
N THR B 174 12.20 -4.65 -4.90
CA THR B 174 12.93 -3.54 -4.36
C THR B 174 12.92 -3.16 -2.91
N ALA B 175 12.43 -4.03 -2.03
CA ALA B 175 12.31 -3.53 -0.69
C ALA B 175 12.74 -4.43 0.43
N GLU B 176 12.14 -4.23 1.60
CA GLU B 176 12.70 -4.84 2.79
C GLU B 176 12.05 -6.19 3.12
N THR B 177 12.84 -7.11 3.65
CA THR B 177 12.28 -8.41 3.93
C THR B 177 11.00 -8.27 4.73
N HIS B 178 10.93 -7.17 5.46
CA HIS B 178 9.76 -6.92 6.26
C HIS B 178 8.67 -6.23 5.47
N GLU B 179 8.94 -5.82 4.25
CA GLU B 179 7.91 -5.04 3.58
C GLU B 179 7.01 -5.89 2.74
N VAL B 180 7.20 -7.21 2.75
CA VAL B 180 6.73 -7.94 1.61
C VAL B 180 6.08 -9.29 1.89
N SER B 181 5.12 -9.71 1.10
CA SER B 181 4.58 -11.01 1.39
C SER B 181 5.47 -12.19 0.99
N ALA B 182 5.72 -13.11 1.91
CA ALA B 182 6.42 -14.34 1.52
C ALA B 182 5.75 -14.98 0.30
N LEU B 183 4.46 -15.25 0.39
CA LEU B 183 3.85 -15.93 -0.73
C LEU B 183 4.30 -15.20 -1.96
N TRP B 184 4.27 -13.88 -1.93
CA TRP B 184 4.50 -13.14 -3.18
C TRP B 184 5.91 -13.37 -3.62
N PHE B 185 6.84 -12.90 -2.82
CA PHE B 185 8.22 -12.94 -3.25
C PHE B 185 8.51 -14.34 -3.76
N LEU B 186 8.02 -15.35 -3.04
CA LEU B 186 8.23 -16.73 -3.45
C LEU B 186 7.73 -16.92 -4.86
N TRP B 187 6.49 -16.53 -5.10
CA TRP B 187 6.02 -16.48 -6.48
C TRP B 187 6.99 -15.80 -7.41
N TYR B 188 7.48 -14.62 -7.06
CA TYR B 188 8.23 -13.83 -8.00
C TYR B 188 9.40 -14.64 -8.53
N VAL B 189 10.23 -15.11 -7.59
CA VAL B 189 11.42 -15.84 -7.98
C VAL B 189 11.01 -16.97 -8.92
N LYS B 190 10.07 -17.80 -8.51
CA LYS B 190 9.82 -18.97 -9.31
C LYS B 190 9.36 -18.55 -10.69
N GLN B 191 8.67 -17.44 -10.75
CA GLN B 191 8.06 -17.11 -12.03
C GLN B 191 9.12 -16.71 -13.04
N CYS B 192 10.37 -16.62 -12.62
CA CYS B 192 11.47 -16.46 -13.58
C CYS B 192 12.29 -17.70 -13.70
N GLY B 193 12.00 -18.72 -12.91
CA GLY B 193 12.69 -19.98 -13.06
C GLY B 193 13.64 -20.20 -11.92
N GLY B 194 13.35 -19.57 -10.77
CA GLY B 194 14.14 -19.80 -9.56
C GLY B 194 15.55 -19.21 -9.36
N THR B 195 15.93 -19.11 -8.10
CA THR B 195 17.25 -18.68 -7.71
C THR B 195 18.30 -18.65 -8.79
N THR B 196 18.82 -19.82 -9.14
CA THR B 196 19.91 -19.79 -10.10
C THR B 196 19.57 -18.94 -11.29
N ARG B 197 18.49 -19.24 -11.99
CA ARG B 197 18.27 -18.50 -13.20
C ARG B 197 18.33 -17.02 -12.97
N ILE B 198 17.78 -16.57 -11.85
CA ILE B 198 17.55 -15.15 -11.67
C ILE B 198 18.81 -14.46 -11.23
N ILE B 199 19.54 -15.11 -10.34
CA ILE B 199 20.73 -14.50 -9.77
C ILE B 199 21.90 -14.50 -10.74
N SER B 200 21.83 -15.39 -11.71
CA SER B 200 22.97 -15.61 -12.57
C SER B 200 23.21 -14.48 -13.57
N THR B 201 24.46 -14.09 -13.73
CA THR B 201 24.82 -13.25 -14.86
C THR B 201 24.90 -14.06 -16.16
N THR B 202 25.82 -15.01 -16.18
CA THR B 202 26.14 -15.77 -17.37
C THR B 202 25.07 -16.71 -17.81
N ASN B 203 24.76 -17.76 -17.08
CA ASN B 203 23.74 -18.55 -17.77
C ASN B 203 22.31 -18.18 -17.45
N GLY B 204 22.06 -16.89 -17.27
CA GLY B 204 20.73 -16.44 -16.95
C GLY B 204 20.45 -14.94 -16.92
N GLY B 205 19.68 -14.52 -15.92
CA GLY B 205 19.11 -13.20 -15.89
C GLY B 205 19.93 -12.06 -16.46
N GLN B 206 21.16 -11.89 -16.02
CA GLN B 206 21.82 -10.66 -16.43
C GLN B 206 22.94 -10.85 -17.43
N GLU B 207 22.78 -11.77 -18.38
CA GLU B 207 23.80 -12.06 -19.36
C GLU B 207 24.06 -10.89 -20.29
N ARG B 208 23.05 -10.31 -20.88
CA ARG B 208 23.34 -9.33 -21.93
C ARG B 208 22.58 -8.04 -21.83
N LYS B 209 23.15 -6.99 -22.43
CA LYS B 209 22.48 -5.71 -22.60
C LYS B 209 22.36 -5.58 -24.09
N PHE B 210 21.57 -4.62 -24.56
CA PHE B 210 21.34 -4.37 -25.98
C PHE B 210 22.34 -3.36 -26.44
N VAL B 211 22.93 -3.53 -27.61
CA VAL B 211 23.78 -2.46 -28.11
C VAL B 211 22.92 -1.19 -28.18
N GLY B 212 23.54 -0.03 -28.08
CA GLY B 212 22.83 1.24 -28.12
C GLY B 212 21.75 1.61 -27.11
N GLY B 213 21.24 0.66 -26.33
CA GLY B 213 20.24 1.00 -25.32
C GLY B 213 18.90 0.31 -25.46
N SER B 214 18.25 -0.02 -24.34
CA SER B 214 16.97 -0.69 -24.41
C SER B 214 15.93 0.33 -24.77
N GLY B 215 16.25 1.60 -24.51
CA GLY B 215 15.39 2.67 -25.00
C GLY B 215 14.94 2.47 -26.45
N GLN B 216 15.93 2.27 -27.29
CA GLN B 216 15.70 1.99 -28.69
C GLN B 216 14.48 1.12 -28.88
N VAL B 217 14.31 0.06 -28.10
CA VAL B 217 13.14 -0.78 -28.34
C VAL B 217 11.88 0.00 -28.62
N SER B 218 11.54 0.89 -27.70
CA SER B 218 10.24 1.50 -27.80
C SER B 218 10.21 2.68 -28.72
N GLU B 219 11.34 3.39 -28.80
CA GLU B 219 11.47 4.46 -29.77
C GLU B 219 11.18 3.93 -31.17
N ARG B 220 11.93 2.93 -31.58
CA ARG B 220 11.73 2.35 -32.89
C ARG B 220 10.29 1.89 -33.13
N ILE B 221 9.59 1.39 -32.11
CA ILE B 221 8.21 1.03 -32.36
C ILE B 221 7.47 2.31 -32.54
N MET B 222 7.80 3.32 -31.75
CA MET B 222 7.16 4.61 -31.99
C MET B 222 7.41 4.98 -33.44
N ASP B 223 8.62 4.78 -33.91
CA ASP B 223 8.89 5.17 -35.29
C ASP B 223 7.96 4.39 -36.20
N LEU B 224 7.88 3.09 -36.00
CA LEU B 224 6.96 2.29 -36.81
C LEU B 224 5.56 2.82 -36.71
N LEU B 225 5.21 3.51 -35.63
CA LEU B 225 3.84 3.99 -35.50
C LEU B 225 3.82 5.39 -36.02
N GLY B 226 2.69 5.81 -36.53
CA GLY B 226 2.71 7.12 -37.15
C GLY B 226 2.79 8.25 -36.16
N ASP B 227 1.85 9.16 -36.36
CA ASP B 227 1.56 10.19 -35.41
C ASP B 227 0.82 9.50 -34.29
N ARG B 228 0.39 8.27 -34.52
CA ARG B 228 -0.44 7.58 -33.53
C ARG B 228 -0.01 7.65 -32.05
N VAL B 229 1.27 7.83 -31.81
CA VAL B 229 1.76 7.90 -30.46
C VAL B 229 1.73 9.37 -30.13
N LYS B 230 0.93 9.77 -29.15
CA LYS B 230 0.92 11.17 -28.79
C LYS B 230 1.63 11.39 -27.49
N LEU B 231 2.75 12.11 -27.52
CA LEU B 231 3.43 12.41 -26.26
C LEU B 231 2.70 13.51 -25.52
N GLU B 232 3.17 13.81 -24.31
CA GLU B 232 2.48 14.73 -23.41
C GLU B 232 0.98 14.50 -23.22
N ARG B 233 0.56 13.25 -23.27
CA ARG B 233 -0.87 13.00 -23.20
C ARG B 233 -1.29 12.27 -21.94
N PRO B 234 -1.03 12.83 -20.78
CA PRO B 234 -1.49 12.22 -19.54
C PRO B 234 -2.97 11.93 -19.67
N VAL B 235 -3.35 10.66 -19.72
CA VAL B 235 -4.75 10.26 -19.73
C VAL B 235 -5.34 10.54 -18.38
N ILE B 236 -6.47 11.23 -18.34
CA ILE B 236 -7.03 11.67 -17.07
C ILE B 236 -8.32 10.98 -16.68
N TYR B 237 -9.04 10.46 -17.67
CA TYR B 237 -10.44 10.19 -17.38
C TYR B 237 -11.01 9.24 -18.41
N ILE B 238 -11.59 8.13 -17.96
CA ILE B 238 -12.07 7.16 -18.91
C ILE B 238 -13.51 6.87 -18.64
N ASP B 239 -14.32 6.81 -19.68
CA ASP B 239 -15.78 6.74 -19.54
C ASP B 239 -16.34 5.59 -20.36
N GLN B 240 -16.77 4.53 -19.69
CA GLN B 240 -17.30 3.38 -20.38
C GLN B 240 -18.83 3.49 -20.38
N THR B 241 -19.34 4.62 -19.92
CA THR B 241 -20.78 4.82 -19.73
C THR B 241 -21.62 4.43 -20.93
N ARG B 242 -21.28 5.03 -22.07
CA ARG B 242 -22.03 4.85 -23.30
C ARG B 242 -21.58 3.60 -24.06
N GLU B 243 -21.50 3.69 -25.38
CA GLU B 243 -20.93 2.58 -26.14
C GLU B 243 -19.46 2.70 -26.56
N ASN B 244 -19.17 3.64 -27.46
CA ASN B 244 -17.77 3.86 -27.70
C ASN B 244 -17.20 4.36 -26.38
N VAL B 245 -15.94 4.03 -26.09
CA VAL B 245 -15.35 4.46 -24.84
C VAL B 245 -14.70 5.79 -25.06
N LEU B 246 -14.71 6.65 -24.06
CA LEU B 246 -13.99 7.91 -24.19
C LEU B 246 -12.84 7.97 -23.21
N VAL B 247 -11.70 8.42 -23.69
CA VAL B 247 -10.55 8.63 -22.86
C VAL B 247 -10.29 10.11 -23.00
N GLU B 248 -9.75 10.75 -22.00
CA GLU B 248 -9.52 12.17 -22.12
C GLU B 248 -8.21 12.55 -21.42
N THR B 249 -7.55 13.51 -22.04
CA THR B 249 -6.20 13.92 -21.64
C THR B 249 -6.15 15.21 -20.83
N LEU B 250 -5.25 15.21 -19.87
CA LEU B 250 -5.02 16.40 -19.06
C LEU B 250 -4.99 17.59 -20.02
N ASN B 251 -4.53 17.25 -21.19
CA ASN B 251 -4.39 18.14 -22.36
C ASN B 251 -5.70 18.87 -22.68
N HIS B 252 -6.77 18.13 -22.52
CA HIS B 252 -8.11 18.62 -22.82
C HIS B 252 -8.44 18.39 -24.30
N GLU B 253 -8.29 17.14 -24.69
CA GLU B 253 -8.82 16.46 -25.85
C GLU B 253 -9.37 15.08 -25.56
N MET B 254 -10.22 14.63 -26.43
CA MET B 254 -10.93 13.36 -26.25
C MET B 254 -10.67 12.40 -27.38
N TYR B 255 -10.62 11.13 -27.02
CA TYR B 255 -10.43 10.05 -27.99
C TYR B 255 -11.49 8.98 -27.76
N GLU B 256 -12.10 8.42 -28.81
CA GLU B 256 -12.98 7.29 -28.54
C GLU B 256 -12.64 6.03 -29.29
N ALA B 257 -12.98 4.89 -28.69
CA ALA B 257 -12.72 3.60 -29.30
C ALA B 257 -13.64 2.54 -28.77
N LYS B 258 -13.39 1.31 -29.14
CA LYS B 258 -14.23 0.24 -28.67
C LYS B 258 -13.44 -0.61 -27.70
N TYR B 259 -12.27 -0.12 -27.36
CA TYR B 259 -11.50 -0.82 -26.36
C TYR B 259 -10.35 0.05 -25.91
N VAL B 260 -9.82 -0.28 -24.74
CA VAL B 260 -8.72 0.44 -24.16
C VAL B 260 -7.92 -0.61 -23.42
N ILE B 261 -6.64 -0.66 -23.76
CA ILE B 261 -5.62 -1.42 -23.04
C ILE B 261 -4.97 -0.38 -22.16
N SER B 262 -4.73 -0.73 -20.91
CA SER B 262 -3.99 0.14 -20.00
C SER B 262 -2.66 -0.48 -19.63
N ALA B 263 -1.59 0.29 -19.83
CA ALA B 263 -0.27 -0.19 -19.52
C ALA B 263 0.44 0.58 -18.39
N ILE B 264 -0.27 1.44 -17.69
CA ILE B 264 0.20 1.96 -16.42
C ILE B 264 0.55 0.85 -15.46
N PRO B 265 1.55 1.04 -14.64
CA PRO B 265 1.72 0.16 -13.48
C PRO B 265 0.46 0.30 -12.64
N PRO B 266 -0.01 -0.82 -12.11
CA PRO B 266 -1.33 -0.88 -11.49
C PRO B 266 -1.65 0.31 -10.62
N THR B 267 -0.88 0.59 -9.58
CA THR B 267 -1.25 1.72 -8.75
C THR B 267 -1.64 2.93 -9.56
N LEU B 268 -0.93 3.14 -10.64
CA LEU B 268 -1.06 4.44 -11.27
C LEU B 268 -2.44 4.61 -11.87
N GLY B 269 -3.26 3.57 -11.82
CA GLY B 269 -4.65 3.67 -12.24
C GLY B 269 -5.34 4.77 -11.44
N MET B 270 -4.93 4.96 -10.18
CA MET B 270 -5.55 5.98 -9.31
C MET B 270 -5.44 7.31 -10.00
N LYS B 271 -4.52 7.38 -10.94
CA LYS B 271 -4.14 8.62 -11.61
C LYS B 271 -5.25 9.10 -12.55
N ILE B 272 -6.25 8.25 -12.73
CA ILE B 272 -7.29 8.49 -13.72
C ILE B 272 -8.62 8.54 -13.00
N HIS B 273 -9.61 9.23 -13.54
CA HIS B 273 -10.91 9.16 -12.90
C HIS B 273 -11.87 8.28 -13.69
N PHE B 274 -12.37 7.22 -13.08
CA PHE B 274 -13.24 6.34 -13.85
C PHE B 274 -14.73 6.62 -13.62
N ASN B 275 -15.50 6.46 -14.68
CA ASN B 275 -16.96 6.47 -14.61
C ASN B 275 -17.54 5.59 -15.68
N PRO B 276 -18.33 4.61 -15.25
CA PRO B 276 -18.65 4.51 -13.83
C PRO B 276 -17.43 4.16 -13.01
N PRO B 277 -17.65 4.07 -11.72
CA PRO B 277 -16.65 3.62 -10.75
C PRO B 277 -16.17 2.21 -11.05
N LEU B 278 -14.95 1.91 -10.62
CA LEU B 278 -14.42 0.59 -10.79
C LEU B 278 -15.21 -0.31 -9.85
N PRO B 279 -15.29 -1.58 -10.17
CA PRO B 279 -15.88 -2.54 -9.22
C PRO B 279 -15.10 -2.43 -7.92
N MET B 280 -15.65 -2.96 -6.83
CA MET B 280 -15.03 -2.70 -5.54
C MET B 280 -13.63 -3.27 -5.50
N MET B 281 -13.49 -4.58 -5.69
CA MET B 281 -12.16 -5.12 -5.58
C MET B 281 -11.12 -4.25 -6.28
N ARG B 282 -11.22 -4.07 -7.58
CA ARG B 282 -10.20 -3.24 -8.24
C ARG B 282 -9.97 -1.94 -7.52
N ASN B 283 -11.03 -1.13 -7.40
CA ASN B 283 -10.91 0.17 -6.78
C ASN B 283 -9.99 0.14 -5.57
N GLN B 284 -10.19 -0.80 -4.68
CA GLN B 284 -9.29 -0.87 -3.55
C GLN B 284 -7.93 -1.46 -3.93
N MET B 285 -7.90 -2.34 -4.93
CA MET B 285 -6.66 -3.04 -5.18
C MET B 285 -5.59 -2.06 -5.59
N ILE B 286 -5.92 -1.20 -6.55
CA ILE B 286 -5.10 -0.08 -6.99
C ILE B 286 -4.42 0.66 -5.86
N THR B 287 -4.82 0.33 -4.65
CA THR B 287 -4.43 1.22 -3.59
C THR B 287 -3.47 0.54 -2.67
N ARG B 288 -3.20 -0.72 -2.94
CA ARG B 288 -2.49 -1.55 -2.00
C ARG B 288 -1.22 -2.09 -2.59
N VAL B 289 -0.89 -1.72 -3.82
CA VAL B 289 0.23 -2.37 -4.47
C VAL B 289 1.17 -1.37 -5.06
N PRO B 290 2.16 -0.98 -4.26
CA PRO B 290 3.14 0.05 -4.61
C PRO B 290 4.37 -0.50 -5.31
N LEU B 291 5.32 0.42 -5.44
CA LEU B 291 6.54 0.15 -6.15
C LEU B 291 7.75 0.25 -5.25
N GLY B 292 8.82 -0.39 -5.70
CA GLY B 292 10.07 -0.38 -4.96
C GLY B 292 10.72 0.98 -5.02
N SER B 293 11.88 1.10 -4.38
CA SER B 293 12.68 2.33 -4.43
C SER B 293 14.12 1.99 -4.71
N VAL B 294 14.71 2.76 -5.62
CA VAL B 294 16.04 2.51 -6.13
C VAL B 294 16.63 3.71 -6.82
N ILE B 295 17.91 3.95 -6.62
CA ILE B 295 18.61 4.87 -7.52
C ILE B 295 19.65 4.06 -8.25
N LYS B 296 19.66 4.10 -9.56
CA LYS B 296 20.72 3.47 -10.33
C LYS B 296 21.91 4.41 -10.58
N CYS B 297 23.12 3.92 -10.34
CA CYS B 297 24.29 4.77 -10.48
C CYS B 297 25.40 4.19 -11.31
N ILE B 298 26.03 5.05 -12.11
CA ILE B 298 27.10 4.67 -13.03
C ILE B 298 28.29 5.61 -12.94
N VAL B 299 29.41 5.06 -12.51
CA VAL B 299 30.65 5.80 -12.30
C VAL B 299 31.62 5.37 -13.38
N TYR B 300 32.26 6.32 -14.04
CA TYR B 300 33.03 6.05 -15.25
C TYR B 300 34.51 6.31 -15.05
N TYR B 301 35.33 5.36 -15.46
CA TYR B 301 36.76 5.49 -15.26
C TYR B 301 37.49 5.53 -16.61
N LYS B 302 38.78 5.84 -16.61
CA LYS B 302 39.56 5.98 -17.84
C LYS B 302 39.70 4.66 -18.53
N GLU B 303 40.15 3.63 -17.83
CA GLU B 303 39.94 2.29 -18.35
C GLU B 303 39.38 1.42 -17.25
N PRO B 304 39.08 0.17 -17.56
CA PRO B 304 38.57 -0.80 -16.60
C PRO B 304 39.65 -1.34 -15.69
N PHE B 305 40.16 -0.49 -14.82
CA PHE B 305 41.32 -0.92 -14.07
C PHE B 305 41.16 -2.29 -13.44
N TRP B 306 39.97 -2.60 -12.91
CA TRP B 306 39.74 -3.91 -12.32
C TRP B 306 40.33 -5.07 -13.07
N ARG B 307 40.30 -5.04 -14.39
CA ARG B 307 40.63 -6.30 -15.06
C ARG B 307 42.08 -6.72 -14.81
N LYS B 308 42.98 -5.76 -14.82
CA LYS B 308 44.35 -6.06 -14.48
C LYS B 308 44.50 -6.79 -13.15
N LYS B 309 43.70 -6.45 -12.14
CA LYS B 309 43.67 -7.34 -10.98
C LYS B 309 42.78 -8.57 -11.22
N ASP B 310 42.48 -8.96 -12.45
CA ASP B 310 41.75 -10.22 -12.58
C ASP B 310 40.43 -10.23 -11.79
N TYR B 311 39.82 -9.06 -11.73
CA TYR B 311 38.43 -8.93 -11.33
C TYR B 311 37.65 -8.39 -12.54
N CYS B 312 36.51 -9.00 -12.84
CA CYS B 312 35.48 -8.30 -13.62
C CYS B 312 34.77 -7.53 -12.54
N GLY B 313 34.12 -6.45 -12.89
CA GLY B 313 33.64 -5.61 -11.81
C GLY B 313 32.39 -6.03 -11.05
N THR B 314 32.27 -7.28 -10.64
CA THR B 314 31.04 -7.68 -10.01
C THR B 314 31.28 -7.69 -8.55
N MET B 315 30.69 -6.77 -7.82
CA MET B 315 30.89 -6.87 -6.41
C MET B 315 29.58 -7.28 -5.74
N ILE B 316 29.69 -8.22 -4.80
CA ILE B 316 28.55 -8.49 -3.94
C ILE B 316 28.96 -7.99 -2.60
N ILE B 317 28.26 -6.98 -2.06
CA ILE B 317 28.72 -6.33 -0.84
C ILE B 317 27.79 -6.36 0.37
N ASP B 318 28.26 -6.96 1.46
CA ASP B 318 27.42 -7.12 2.64
C ASP B 318 27.55 -5.97 3.65
N GLY B 319 26.49 -5.64 4.38
CA GLY B 319 26.59 -4.66 5.45
C GLY B 319 25.76 -3.42 5.25
N GLU B 320 25.43 -2.72 6.33
CA GLU B 320 24.65 -1.48 6.22
C GLU B 320 25.52 -0.32 5.78
N GLU B 321 26.73 -0.25 6.30
CA GLU B 321 27.60 0.88 6.01
C GLU B 321 27.82 1.09 4.51
N ALA B 322 27.39 0.17 3.65
CA ALA B 322 27.66 0.27 2.20
C ALA B 322 26.54 0.86 1.39
N PRO B 323 26.79 1.85 0.55
CA PRO B 323 25.69 2.47 -0.19
C PRO B 323 25.20 1.50 -1.20
N VAL B 324 26.03 0.58 -1.64
CA VAL B 324 25.64 -0.24 -2.77
C VAL B 324 25.94 -1.69 -2.50
N ALA B 325 25.02 -2.60 -2.80
CA ALA B 325 25.29 -3.99 -2.48
C ALA B 325 25.69 -4.84 -3.66
N TYR B 326 25.41 -4.37 -4.87
CA TYR B 326 25.68 -5.17 -6.03
C TYR B 326 26.20 -4.26 -7.09
N THR B 327 27.18 -4.76 -7.84
CA THR B 327 27.85 -3.96 -8.82
C THR B 327 28.12 -4.81 -10.03
N LEU B 328 27.88 -4.29 -11.22
CA LEU B 328 28.24 -4.98 -12.47
C LEU B 328 29.11 -4.15 -13.39
N ASP B 329 29.86 -4.76 -14.30
CA ASP B 329 30.66 -3.95 -15.21
C ASP B 329 29.84 -3.33 -16.33
N ASP B 330 29.99 -2.04 -16.58
CA ASP B 330 29.16 -1.40 -17.61
C ASP B 330 29.96 -0.89 -18.81
N THR B 331 31.21 -1.29 -18.91
CA THR B 331 32.03 -0.83 -20.00
C THR B 331 31.42 -1.26 -21.31
N LYS B 332 31.53 -0.42 -22.34
CA LYS B 332 30.98 -0.76 -23.64
C LYS B 332 31.66 -2.01 -24.11
N PRO B 333 31.10 -2.61 -25.15
CA PRO B 333 31.53 -3.92 -25.64
C PRO B 333 32.90 -3.84 -26.21
N GLU B 334 33.41 -2.64 -26.37
CA GLU B 334 34.65 -2.51 -27.09
C GLU B 334 35.88 -2.28 -26.24
N GLY B 335 35.72 -2.16 -24.92
CA GLY B 335 36.82 -1.83 -24.03
C GLY B 335 36.68 -0.35 -23.80
N ASN B 336 35.52 0.13 -24.22
CA ASN B 336 35.33 1.54 -24.43
C ASN B 336 35.10 2.50 -23.33
N TYR B 337 33.93 2.55 -22.70
CA TYR B 337 33.84 3.51 -21.62
C TYR B 337 33.91 2.91 -20.24
N ALA B 338 35.10 2.64 -19.74
CA ALA B 338 35.15 1.86 -18.54
C ALA B 338 34.12 2.46 -17.61
N ALA B 339 33.26 1.62 -17.02
CA ALA B 339 32.37 2.06 -15.98
C ALA B 339 31.97 0.93 -15.05
N ILE B 340 31.48 1.28 -13.87
CA ILE B 340 30.86 0.29 -12.98
C ILE B 340 29.43 0.66 -12.56
N MET B 341 28.51 -0.30 -12.63
CA MET B 341 27.10 -0.04 -12.32
C MET B 341 26.66 -0.54 -10.97
N GLY B 342 25.77 0.18 -10.35
CA GLY B 342 25.45 -0.13 -8.99
C GLY B 342 24.11 0.48 -8.62
N PHE B 343 23.43 -0.24 -7.72
CA PHE B 343 22.06 0.07 -7.34
C PHE B 343 22.10 0.55 -5.91
N ILE B 344 21.30 1.56 -5.59
CA ILE B 344 21.13 1.89 -4.18
C ILE B 344 19.75 1.44 -3.71
N LEU B 345 19.68 0.41 -2.86
CA LEU B 345 18.38 -0.22 -2.66
C LEU B 345 17.54 0.23 -1.47
N ALA B 346 16.24 0.21 -1.67
CA ALA B 346 15.32 0.33 -0.55
C ALA B 346 15.67 1.41 0.48
N HIS B 347 15.51 1.09 1.76
CA HIS B 347 15.74 2.11 2.74
C HIS B 347 16.95 2.91 2.40
N LYS B 348 18.04 2.27 1.98
CA LYS B 348 19.22 3.03 1.61
C LYS B 348 18.91 4.04 0.54
N ALA B 349 18.06 3.67 -0.39
CA ALA B 349 17.75 4.61 -1.43
C ALA B 349 17.15 5.85 -0.83
N ARG B 350 16.40 5.71 0.24
CA ARG B 350 15.79 6.90 0.79
C ARG B 350 16.75 7.65 1.70
N LYS B 351 17.60 6.92 2.43
CA LYS B 351 18.53 7.65 3.26
C LYS B 351 19.40 8.46 2.34
N LEU B 352 19.97 7.82 1.34
CA LEU B 352 21.05 8.44 0.61
C LEU B 352 20.57 9.56 -0.29
N ALA B 353 19.28 9.56 -0.61
CA ALA B 353 18.76 10.61 -1.48
C ALA B 353 19.12 11.99 -1.00
N ARG B 354 19.10 12.25 0.30
CA ARG B 354 19.30 13.62 0.73
C ARG B 354 20.63 14.23 0.33
N LEU B 355 21.66 13.42 0.11
CA LEU B 355 22.98 13.93 -0.22
C LEU B 355 22.99 14.51 -1.63
N THR B 356 23.86 15.46 -1.91
CA THR B 356 24.08 15.95 -3.26
C THR B 356 24.69 14.83 -4.06
N LYS B 357 24.39 14.86 -5.35
CA LYS B 357 25.01 13.98 -6.32
C LYS B 357 26.49 13.80 -6.00
N GLU B 358 27.15 14.92 -5.76
CA GLU B 358 28.57 14.88 -5.49
C GLU B 358 28.83 14.00 -4.31
N GLU B 359 28.18 14.32 -3.19
CA GLU B 359 28.38 13.57 -1.95
C GLU B 359 28.26 12.07 -2.16
N ARG B 360 27.45 11.69 -3.12
CA ARG B 360 27.19 10.29 -3.28
C ARG B 360 28.28 9.63 -4.12
N LEU B 361 28.92 10.42 -4.97
CA LEU B 361 29.96 9.88 -5.82
C LEU B 361 31.14 9.52 -4.96
N LYS B 362 31.47 10.46 -4.08
CA LYS B 362 32.57 10.26 -3.16
C LYS B 362 32.26 8.90 -2.51
N LYS B 363 31.04 8.74 -2.02
CA LYS B 363 30.76 7.55 -1.26
C LYS B 363 30.96 6.34 -2.16
N LEU B 364 30.29 6.34 -3.31
CA LEU B 364 30.43 5.23 -4.22
C LEU B 364 31.88 4.87 -4.50
N CYS B 365 32.65 5.84 -4.97
CA CYS B 365 34.06 5.62 -5.18
C CYS B 365 34.75 4.98 -3.98
N GLU B 366 34.99 5.77 -2.93
CA GLU B 366 35.56 5.27 -1.67
C GLU B 366 35.21 3.79 -1.46
N LEU B 367 33.94 3.43 -1.51
CA LEU B 367 33.56 2.02 -1.42
C LEU B 367 34.34 1.16 -2.39
N TYR B 368 34.28 1.56 -3.63
CA TYR B 368 34.79 0.70 -4.68
C TYR B 368 36.29 0.53 -4.54
N ALA B 369 36.95 1.60 -4.10
CA ALA B 369 38.41 1.67 -3.97
C ALA B 369 38.77 0.64 -2.96
N LYS B 370 37.90 0.58 -1.98
CA LYS B 370 38.14 -0.28 -0.87
C LYS B 370 37.90 -1.73 -1.25
N VAL B 371 36.82 -2.01 -1.97
CA VAL B 371 36.37 -3.37 -2.23
C VAL B 371 37.22 -4.02 -3.31
N LEU B 372 37.51 -3.22 -4.31
CA LEU B 372 38.38 -3.57 -5.41
C LEU B 372 39.81 -3.50 -4.96
N GLY B 373 40.08 -2.62 -4.00
CA GLY B 373 41.44 -2.40 -3.57
C GLY B 373 42.34 -1.69 -4.57
N SER B 374 42.04 -0.43 -4.85
CA SER B 374 42.78 0.27 -5.88
C SER B 374 42.46 1.72 -5.77
N LEU B 375 43.51 2.48 -5.47
CA LEU B 375 43.44 3.92 -5.51
C LEU B 375 42.74 4.35 -6.76
N GLU B 376 42.93 3.60 -7.83
CA GLU B 376 42.36 4.08 -9.07
C GLU B 376 40.90 4.42 -8.92
N ALA B 377 40.16 3.61 -8.20
CA ALA B 377 38.74 3.88 -8.13
C ALA B 377 38.53 5.28 -7.61
N LEU B 378 39.54 5.84 -6.97
CA LEU B 378 39.31 7.16 -6.40
C LEU B 378 39.29 8.26 -7.46
N GLU B 379 39.47 7.88 -8.71
CA GLU B 379 39.64 8.84 -9.80
C GLU B 379 38.68 8.73 -10.95
N PRO B 380 37.41 8.95 -10.65
CA PRO B 380 36.31 8.91 -11.62
C PRO B 380 36.55 9.99 -12.65
N VAL B 381 35.87 9.90 -13.76
CA VAL B 381 36.11 10.81 -14.86
C VAL B 381 34.75 11.26 -15.38
N HIS B 382 33.70 10.62 -14.86
CA HIS B 382 32.35 11.09 -15.10
C HIS B 382 31.28 10.29 -14.39
N TYR B 383 30.19 10.92 -13.95
CA TYR B 383 29.15 10.19 -13.21
C TYR B 383 27.74 10.44 -13.71
N GLU B 384 26.89 9.42 -13.65
CA GLU B 384 25.49 9.51 -14.07
C GLU B 384 24.64 8.66 -13.15
N GLU B 385 23.47 9.16 -12.77
CA GLU B 385 22.61 8.44 -11.82
C GLU B 385 21.15 8.81 -12.02
N LYS B 386 20.24 7.87 -11.79
CA LYS B 386 18.83 8.19 -11.78
C LYS B 386 18.11 7.65 -10.55
N ASN B 387 17.23 8.47 -9.99
CA ASN B 387 16.49 8.04 -8.82
C ASN B 387 15.01 7.90 -9.08
N TRP B 388 14.56 6.72 -9.54
CA TRP B 388 13.17 6.52 -9.92
C TRP B 388 12.17 6.87 -8.82
N CYS B 389 12.58 6.70 -7.57
CA CYS B 389 11.73 7.21 -6.52
C CYS B 389 11.00 8.49 -6.90
N GLU B 390 11.61 9.37 -7.66
CA GLU B 390 10.97 10.67 -7.78
C GLU B 390 10.07 10.81 -8.97
N GLU B 391 9.66 9.70 -9.56
CA GLU B 391 8.94 9.79 -10.80
C GLU B 391 7.42 9.61 -10.67
N GLN B 392 6.73 10.72 -10.89
CA GLN B 392 5.27 10.79 -10.89
C GLN B 392 4.62 9.75 -11.81
N TYR B 393 5.15 9.57 -13.00
CA TYR B 393 4.44 8.60 -13.82
C TYR B 393 5.03 7.22 -13.79
N SER B 394 5.77 6.90 -12.73
CA SER B 394 6.28 5.55 -12.62
C SER B 394 6.11 4.95 -11.27
N GLY B 395 6.41 5.71 -10.24
CA GLY B 395 6.02 5.28 -8.92
C GLY B 395 7.20 4.67 -8.23
N GLY B 396 8.18 4.24 -8.99
CA GLY B 396 9.38 3.69 -8.36
C GLY B 396 10.01 2.68 -9.29
N CYS B 397 10.82 1.76 -8.79
CA CYS B 397 11.45 0.87 -9.76
C CYS B 397 11.79 -0.58 -9.51
N TYR B 398 12.17 -1.09 -10.67
CA TYR B 398 11.78 -2.41 -11.13
C TYR B 398 10.27 -2.51 -10.98
N THR B 399 9.70 -3.02 -9.89
CA THR B 399 8.24 -3.21 -9.94
C THR B 399 7.42 -2.87 -8.76
N THR B 400 6.26 -3.52 -8.79
CA THR B 400 5.27 -3.43 -7.77
C THR B 400 5.44 -4.62 -6.86
N TYR B 401 5.27 -4.45 -5.55
CA TYR B 401 5.49 -5.58 -4.68
C TYR B 401 4.22 -5.80 -3.95
N PHE B 402 4.02 -6.97 -3.36
CA PHE B 402 2.78 -7.12 -2.59
C PHE B 402 3.03 -7.27 -1.07
N PRO B 403 2.54 -6.37 -0.23
CA PRO B 403 2.63 -6.55 1.22
C PRO B 403 1.75 -7.68 1.64
N PRO B 404 1.90 -8.10 2.88
CA PRO B 404 1.26 -9.27 3.45
C PRO B 404 -0.17 -9.57 3.07
N GLY B 405 -1.06 -8.63 3.21
CA GLY B 405 -2.42 -9.11 3.07
C GLY B 405 -2.93 -9.57 1.72
N ILE B 406 -2.13 -9.34 0.69
CA ILE B 406 -2.77 -8.95 -0.54
C ILE B 406 -2.81 -9.82 -1.78
N LEU B 407 -1.69 -10.35 -2.22
CA LEU B 407 -1.80 -11.21 -3.39
C LEU B 407 -3.09 -12.02 -3.20
N THR B 408 -3.07 -12.84 -2.16
CA THR B 408 -4.24 -13.58 -1.71
C THR B 408 -5.62 -12.98 -1.93
N GLN B 409 -5.85 -11.70 -1.72
CA GLN B 409 -7.24 -11.32 -1.68
C GLN B 409 -7.64 -10.53 -2.86
N TYR B 410 -6.73 -9.66 -3.24
CA TYR B 410 -6.92 -8.83 -4.39
C TYR B 410 -6.17 -9.35 -5.61
N GLY B 411 -5.40 -10.42 -5.45
CA GLY B 411 -4.61 -10.95 -6.54
C GLY B 411 -5.32 -11.18 -7.87
N ARG B 412 -6.36 -12.00 -7.83
CA ARG B 412 -6.97 -12.36 -9.09
C ARG B 412 -7.64 -11.19 -9.76
N VAL B 413 -7.32 -9.96 -9.41
CA VAL B 413 -8.00 -8.87 -10.08
C VAL B 413 -7.09 -8.20 -11.07
N LEU B 414 -5.80 -8.37 -10.82
CA LEU B 414 -4.79 -7.60 -11.50
C LEU B 414 -5.15 -7.56 -12.95
N ARG B 415 -5.57 -8.68 -13.53
CA ARG B 415 -5.77 -8.66 -14.97
C ARG B 415 -7.14 -9.04 -15.48
N GLN B 416 -8.11 -9.02 -14.58
CA GLN B 416 -9.52 -9.10 -14.94
C GLN B 416 -9.91 -7.81 -15.64
N PRO B 417 -10.54 -7.96 -16.80
CA PRO B 417 -11.01 -6.84 -17.61
C PRO B 417 -12.17 -6.13 -16.98
N VAL B 418 -12.21 -4.83 -17.18
CA VAL B 418 -13.36 -4.07 -16.74
C VAL B 418 -14.08 -3.51 -17.96
N ASP B 419 -15.18 -4.18 -18.31
CA ASP B 419 -15.96 -3.89 -19.51
C ASP B 419 -15.15 -3.92 -20.79
N ARG B 420 -14.65 -2.79 -21.22
CA ARG B 420 -13.85 -2.81 -22.43
C ARG B 420 -12.39 -2.35 -22.22
N ILE B 421 -12.00 -2.22 -20.96
CA ILE B 421 -10.65 -1.89 -20.62
C ILE B 421 -10.02 -3.24 -20.36
N TYR B 422 -8.93 -3.57 -21.03
CA TYR B 422 -8.16 -4.73 -20.66
C TYR B 422 -6.83 -4.21 -20.11
N PHE B 423 -5.99 -5.08 -19.56
CA PHE B 423 -4.83 -4.59 -18.80
C PHE B 423 -3.53 -5.27 -19.12
N ALA B 424 -2.56 -4.52 -19.65
CA ALA B 424 -1.26 -5.11 -19.92
C ALA B 424 -0.34 -4.77 -18.78
N GLY B 425 0.93 -4.45 -19.05
CA GLY B 425 1.91 -4.16 -18.01
C GLY B 425 2.64 -5.35 -17.40
N THR B 426 3.95 -5.21 -17.21
CA THR B 426 4.77 -6.34 -16.82
C THR B 426 4.20 -6.93 -15.56
N GLU B 427 3.64 -6.08 -14.73
CA GLU B 427 3.21 -6.57 -13.43
C GLU B 427 2.07 -7.53 -13.69
N THR B 428 1.77 -7.73 -14.96
CA THR B 428 0.64 -8.54 -15.34
C THR B 428 1.04 -9.90 -15.90
N ALA B 429 2.33 -10.10 -16.09
CA ALA B 429 2.79 -11.31 -16.77
C ALA B 429 2.72 -12.53 -15.91
N THR B 430 3.53 -13.50 -16.30
CA THR B 430 3.35 -14.87 -15.90
C THR B 430 4.71 -15.48 -15.97
N HIS B 431 5.54 -14.85 -16.81
CA HIS B 431 6.95 -15.18 -16.94
C HIS B 431 7.75 -13.91 -16.72
N TRP B 432 8.87 -13.99 -16.04
CA TRP B 432 9.63 -12.78 -16.02
C TRP B 432 8.73 -11.56 -15.84
N SER B 433 7.62 -11.66 -15.12
CA SER B 433 6.96 -10.41 -14.81
C SER B 433 7.92 -9.57 -14.04
N GLY B 434 7.83 -8.28 -14.20
CA GLY B 434 8.62 -7.45 -13.33
C GLY B 434 9.78 -6.95 -14.15
N TYR B 435 10.14 -7.75 -15.14
CA TYR B 435 11.22 -7.45 -16.04
C TYR B 435 10.67 -7.09 -17.43
N MET B 436 11.48 -6.53 -18.33
CA MET B 436 11.05 -6.21 -19.70
C MET B 436 10.32 -7.35 -20.40
N GLU B 437 10.88 -8.56 -20.42
CA GLU B 437 10.18 -9.69 -21.05
C GLU B 437 8.73 -9.71 -20.63
N GLY B 438 8.52 -9.80 -19.33
CA GLY B 438 7.18 -9.68 -18.82
C GLY B 438 6.45 -8.62 -19.63
N ALA B 439 6.88 -7.38 -19.50
CA ALA B 439 6.15 -6.33 -20.18
C ALA B 439 5.77 -6.65 -21.63
N VAL B 440 6.55 -7.46 -22.33
CA VAL B 440 6.04 -7.83 -23.66
C VAL B 440 4.91 -8.85 -23.62
N GLU B 441 5.13 -9.98 -22.94
CA GLU B 441 4.12 -11.04 -22.86
C GLU B 441 2.82 -10.36 -22.57
N ALA B 442 2.86 -9.47 -21.58
CA ALA B 442 1.68 -8.73 -21.18
C ALA B 442 1.02 -8.14 -22.42
N GLY B 443 1.40 -6.93 -22.76
CA GLY B 443 0.86 -6.31 -23.95
C GLY B 443 0.41 -7.26 -25.04
N GLU B 444 1.29 -8.17 -25.43
CA GLU B 444 0.85 -9.04 -26.48
C GLU B 444 -0.42 -9.76 -26.02
N ARG B 445 -0.39 -10.40 -24.86
CA ARG B 445 -1.54 -11.18 -24.38
C ARG B 445 -2.76 -10.31 -24.30
N ALA B 446 -2.63 -9.16 -23.66
CA ALA B 446 -3.67 -8.14 -23.74
C ALA B 446 -4.21 -7.99 -25.13
N ALA B 447 -3.57 -7.20 -25.96
CA ALA B 447 -4.12 -7.00 -27.30
C ALA B 447 -4.88 -8.20 -27.88
N ARG B 448 -4.24 -9.37 -27.87
CA ARG B 448 -4.88 -10.59 -28.35
C ARG B 448 -6.21 -10.81 -27.64
N GLU B 449 -6.29 -10.43 -26.36
CA GLU B 449 -7.57 -10.54 -25.64
C GLU B 449 -8.57 -9.74 -26.45
N ILE B 450 -8.22 -8.50 -26.76
CA ILE B 450 -9.14 -7.73 -27.55
C ILE B 450 -9.47 -8.33 -28.88
N LEU B 451 -8.48 -8.86 -29.59
CA LEU B 451 -8.82 -9.55 -30.83
C LEU B 451 -9.91 -10.59 -30.64
N HIS B 452 -9.71 -11.53 -29.72
CA HIS B 452 -10.74 -12.53 -29.46
C HIS B 452 -12.07 -11.88 -29.19
N ALA B 453 -12.06 -10.73 -28.55
CA ALA B 453 -13.30 -10.05 -28.24
C ALA B 453 -13.99 -9.68 -29.55
N MET B 454 -13.22 -9.10 -30.47
CA MET B 454 -13.74 -8.68 -31.76
C MET B 454 -14.03 -9.86 -32.67
N GLY B 455 -13.69 -11.06 -32.23
CA GLY B 455 -14.05 -12.24 -32.99
C GLY B 455 -13.12 -12.67 -34.09
N LYS B 456 -11.93 -12.07 -34.16
CA LYS B 456 -10.94 -12.52 -35.14
C LYS B 456 -10.00 -13.58 -34.61
N ILE B 457 -10.37 -14.33 -33.58
CA ILE B 457 -9.45 -15.28 -32.95
C ILE B 457 -10.09 -15.98 -31.79
N PRO B 458 -9.72 -17.24 -31.57
CA PRO B 458 -10.28 -18.05 -30.47
C PRO B 458 -9.62 -18.01 -29.09
N GLU B 459 -10.36 -18.40 -28.06
CA GLU B 459 -9.76 -18.58 -26.74
C GLU B 459 -8.34 -19.10 -26.91
N ASP B 460 -8.18 -20.09 -27.78
CA ASP B 460 -6.88 -20.64 -28.11
C ASP B 460 -5.75 -19.65 -28.04
N GLU B 461 -5.86 -18.63 -28.88
CA GLU B 461 -4.72 -17.79 -29.23
C GLU B 461 -4.54 -16.55 -28.39
N ILE B 462 -5.18 -16.47 -27.24
CA ILE B 462 -4.87 -15.38 -26.36
C ILE B 462 -3.49 -15.64 -25.77
N TRP B 463 -3.32 -16.76 -25.10
CA TRP B 463 -2.02 -17.14 -24.55
C TRP B 463 -1.21 -17.89 -25.60
N GLN B 464 0.01 -17.42 -25.90
CA GLN B 464 0.81 -17.94 -27.01
C GLN B 464 2.26 -18.28 -26.67
N SER B 465 2.84 -19.28 -27.32
CA SER B 465 4.19 -19.69 -26.91
C SER B 465 5.41 -18.94 -27.44
N GLU B 466 6.55 -19.29 -26.85
CA GLU B 466 7.79 -18.53 -26.73
C GLU B 466 8.81 -19.44 -27.42
N PRO B 467 9.05 -19.26 -28.73
CA PRO B 467 10.08 -20.02 -29.44
C PRO B 467 11.47 -19.57 -29.01
N GLU B 468 12.30 -20.53 -28.61
CA GLU B 468 13.62 -20.24 -28.03
C GLU B 468 14.49 -19.51 -29.02
N SER B 469 15.06 -18.39 -28.60
CA SER B 469 15.88 -17.59 -29.49
C SER B 469 17.11 -18.39 -29.88
N VAL B 470 17.70 -18.06 -31.02
CA VAL B 470 18.84 -18.82 -31.47
C VAL B 470 20.07 -18.17 -30.98
N ASP B 471 20.02 -16.85 -30.88
CA ASP B 471 21.17 -16.13 -30.38
C ASP B 471 21.38 -16.25 -28.88
N VAL B 472 20.32 -16.51 -28.12
CA VAL B 472 20.47 -16.62 -26.70
C VAL B 472 19.86 -17.91 -26.21
N PRO B 473 20.49 -19.01 -26.58
CA PRO B 473 20.01 -20.35 -26.24
C PRO B 473 20.04 -20.44 -24.74
N ALA B 474 19.37 -21.44 -24.19
CA ALA B 474 19.27 -21.59 -22.76
C ALA B 474 19.54 -23.02 -22.34
N GLN B 475 20.44 -23.23 -21.40
CA GLN B 475 20.69 -24.57 -20.88
C GLN B 475 20.20 -24.69 -19.48
N PRO B 476 19.86 -25.91 -19.09
CA PRO B 476 18.97 -26.12 -17.96
C PRO B 476 19.72 -26.02 -16.65
N ILE B 477 19.01 -26.22 -15.56
CA ILE B 477 19.56 -25.98 -14.27
C ILE B 477 19.93 -27.30 -13.60
N THR B 478 21.11 -27.33 -13.00
CA THR B 478 21.80 -28.55 -12.61
C THR B 478 21.82 -28.75 -11.10
N THR B 479 21.49 -29.93 -10.59
CA THR B 479 21.69 -30.14 -9.16
C THR B 479 22.62 -31.29 -8.77
N THR B 480 22.87 -31.44 -7.48
CA THR B 480 23.90 -32.36 -7.04
C THR B 480 23.38 -33.32 -6.01
N PHE B 481 23.51 -34.61 -6.26
CA PHE B 481 23.07 -35.55 -5.25
C PHE B 481 23.28 -34.88 -3.89
N LEU B 482 24.49 -34.42 -3.62
CA LEU B 482 24.79 -33.80 -2.32
C LEU B 482 23.95 -32.57 -2.09
N GLU B 483 24.07 -31.64 -3.02
CA GLU B 483 23.33 -30.40 -2.99
C GLU B 483 21.87 -30.68 -2.64
N ARG B 484 21.32 -31.80 -3.06
CA ARG B 484 19.91 -31.95 -2.83
C ARG B 484 19.56 -32.96 -1.77
N HIS B 485 20.55 -33.50 -1.06
CA HIS B 485 20.26 -34.33 0.11
C HIS B 485 21.02 -33.97 1.37
N LEU B 486 21.97 -33.06 1.33
CA LEU B 486 22.52 -32.65 2.61
C LEU B 486 21.36 -32.26 3.52
N PRO B 487 21.55 -32.47 4.80
CA PRO B 487 20.57 -32.06 5.81
C PRO B 487 20.56 -30.56 6.05
N SER B 488 19.49 -30.07 6.64
CA SER B 488 19.43 -28.72 7.19
C SER B 488 20.03 -28.70 8.58
N VAL B 489 20.21 -27.50 9.11
CA VAL B 489 20.88 -27.46 10.39
C VAL B 489 20.09 -28.25 11.40
N PRO B 490 18.78 -28.14 11.34
CA PRO B 490 17.88 -28.97 12.15
C PRO B 490 18.02 -30.46 11.85
N GLY B 491 17.85 -30.86 10.59
CA GLY B 491 18.10 -32.24 10.24
C GLY B 491 19.34 -32.74 10.96
N LEU B 492 20.48 -32.10 10.72
CA LEU B 492 21.71 -32.57 11.32
C LEU B 492 21.52 -32.77 12.81
N LEU B 493 20.85 -31.82 13.45
CA LEU B 493 20.58 -31.92 14.89
C LEU B 493 19.76 -33.18 15.20
N ARG B 494 18.62 -33.32 14.55
CA ARG B 494 17.80 -34.52 14.71
C ARG B 494 18.61 -35.74 14.35
N LEU B 495 19.47 -35.68 13.34
CA LEU B 495 20.21 -36.88 12.98
C LEU B 495 20.96 -37.43 14.18
N ILE B 496 21.78 -36.58 14.78
CA ILE B 496 22.43 -36.89 16.04
C ILE B 496 21.47 -37.61 17.00
#